data_3BYQ
#
_entry.id   3BYQ
#
_cell.length_a   96.542
_cell.length_b   133.127
_cell.length_c   92.544
_cell.angle_alpha   90.000
_cell.angle_beta   90.000
_cell.angle_gamma   90.000
#
_symmetry.space_group_name_H-M   'C 2 2 21'
#
loop_
_entity.id
_entity.type
_entity.pdbx_description
1 polymer 'Uncharacterized protein DUF1185'
2 non-polymer 'CHLORIDE ION'
3 non-polymer 'TETRAETHYLENE GLYCOL'
4 non-polymer 1,2-ETHANEDIOL
5 water water
#
_entity_poly.entity_id   1
_entity_poly.type   'polypeptide(L)'
_entity_poly.pdbx_seq_one_letter_code
;G(MSE)SLIEIRKRTLIVETTYHENGPAPAQPLKLAASCAVIRNPYAGRYEPDL(MSE)PF(MSE)AELRSLGTLLATEL
VDTLGKDNIEVYSKAAIVGVDGE(MSE)EHGAVWHEAGGWA(MSE)RSVLGEPKA(MSE)VPAVKAVATAGYR(MSE)
(MSE)VPVHYIHASYVRSHFNSIEIGIQDAPRPREILFALV(MSE)GTGARVHARLGGLTKEAVSVHDGQR
;
_entity_poly.pdbx_strand_id   A,B,C
#
loop_
_chem_comp.id
_chem_comp.type
_chem_comp.name
_chem_comp.formula
CL non-polymer 'CHLORIDE ION' 'Cl -1'
EDO non-polymer 1,2-ETHANEDIOL 'C2 H6 O2'
PG4 non-polymer 'TETRAETHYLENE GLYCOL' 'C8 H18 O5'
#
# COMPACT_ATOMS: atom_id res chain seq x y z
N SER A 3 -15.21 24.15 -13.53
CA SER A 3 -15.57 22.90 -12.77
C SER A 3 -15.05 22.90 -11.35
N LEU A 4 -15.93 22.43 -10.48
CA LEU A 4 -15.67 22.31 -9.07
C LEU A 4 -15.04 20.96 -8.75
N ILE A 5 -14.77 20.14 -9.78
CA ILE A 5 -14.28 18.79 -9.57
C ILE A 5 -12.91 18.60 -10.17
N GLU A 6 -11.92 18.47 -9.29
CA GLU A 6 -10.54 18.29 -9.68
C GLU A 6 -10.00 17.05 -8.98
N ILE A 7 -9.84 15.99 -9.76
CA ILE A 7 -9.46 14.67 -9.23
C ILE A 7 -7.95 14.48 -9.15
N ARG A 8 -7.48 14.13 -7.97
CA ARG A 8 -6.04 13.90 -7.76
C ARG A 8 -5.71 12.45 -7.99
N LYS A 9 -6.57 11.59 -7.43
CA LYS A 9 -6.41 10.16 -7.54
C LYS A 9 -7.71 9.40 -7.33
N ARG A 10 -7.71 8.21 -7.86
CA ARG A 10 -8.84 7.29 -7.73
C ARG A 10 -8.36 5.93 -7.34
N THR A 11 -9.22 5.20 -6.63
CA THR A 11 -8.93 3.80 -6.30
CA THR A 11 -8.94 3.80 -6.32
C THR A 11 -10.13 2.95 -6.60
N LEU A 12 -9.84 1.75 -7.05
CA LEU A 12 -10.86 0.75 -7.32
C LEU A 12 -10.41 -0.45 -6.54
N ILE A 13 -11.31 -0.95 -5.71
CA ILE A 13 -11.06 -2.09 -4.81
CA ILE A 13 -11.00 -2.14 -4.94
C ILE A 13 -12.09 -3.18 -5.10
N VAL A 14 -11.66 -4.41 -5.28
CA VAL A 14 -12.58 -5.54 -5.44
C VAL A 14 -12.17 -6.58 -4.42
N GLU A 15 -13.09 -6.88 -3.50
CA GLU A 15 -12.84 -7.85 -2.42
C GLU A 15 -13.68 -9.07 -2.67
N THR A 16 -13.01 -10.20 -2.88
CA THR A 16 -13.67 -11.50 -3.13
C THR A 16 -13.54 -12.33 -1.87
N THR A 17 -14.67 -12.72 -1.30
CA THR A 17 -14.73 -13.57 -0.10
C THR A 17 -15.25 -14.95 -0.49
N TYR A 18 -14.43 -15.95 -0.22
CA TYR A 18 -14.76 -17.36 -0.51
C TYR A 18 -15.47 -18.02 0.62
N HIS A 19 -15.07 -17.66 1.84
CA HIS A 19 -15.67 -18.20 3.05
C HIS A 19 -15.30 -17.32 4.24
N GLU A 20 -15.90 -17.66 5.39
CA GLU A 20 -15.53 -17.09 6.68
C GLU A 20 -15.56 -18.21 7.70
N ASN A 21 -14.85 -19.28 7.32
CA ASN A 21 -14.63 -20.49 8.10
C ASN A 21 -15.79 -21.42 8.28
N GLY A 22 -16.83 -21.16 7.50
CA GLY A 22 -18.00 -22.03 7.41
C GLY A 22 -18.03 -22.72 6.04
N PRO A 23 -19.12 -23.43 5.72
CA PRO A 23 -19.24 -24.07 4.42
C PRO A 23 -19.26 -23.04 3.30
N ALA A 24 -18.31 -23.16 2.37
CA ALA A 24 -18.16 -22.15 1.33
C ALA A 24 -19.34 -22.16 0.40
N PRO A 25 -19.86 -20.98 0.05
CA PRO A 25 -20.94 -20.95 -0.88
C PRO A 25 -20.40 -21.29 -2.27
N ALA A 26 -21.34 -21.66 -3.14
CA ALA A 26 -21.04 -22.06 -4.53
C ALA A 26 -20.29 -20.99 -5.27
N GLN A 27 -20.70 -19.75 -5.05
CA GLN A 27 -20.05 -18.61 -5.65
C GLN A 27 -19.56 -17.66 -4.57
N PRO A 28 -18.31 -17.17 -4.71
CA PRO A 28 -17.86 -16.19 -3.74
C PRO A 28 -18.59 -14.87 -3.85
N LEU A 29 -18.53 -14.09 -2.80
CA LEU A 29 -19.07 -12.74 -2.81
C LEU A 29 -18.01 -11.80 -3.28
N LYS A 30 -18.42 -10.82 -4.08
CA LYS A 30 -17.55 -9.72 -4.46
C LYS A 30 -18.20 -8.42 -4.03
N LEU A 31 -17.41 -7.62 -3.34
CA LEU A 31 -17.77 -6.25 -2.95
C LEU A 31 -16.68 -5.38 -3.55
N ALA A 32 -17.08 -4.30 -4.19
CA ALA A 32 -16.15 -3.41 -4.85
C ALA A 32 -16.43 -1.97 -4.49
N ALA A 33 -15.37 -1.19 -4.35
CA ALA A 33 -15.51 0.24 -4.04
C ALA A 33 -14.73 1.03 -5.06
N SER A 34 -15.28 2.13 -5.51
CA SER A 34 -14.67 3.07 -6.46
C SER A 34 -14.65 4.42 -5.72
N CYS A 35 -13.45 4.95 -5.55
CA CYS A 35 -13.22 6.19 -4.79
C CYS A 35 -12.49 7.22 -5.64
N ALA A 36 -12.79 8.48 -5.36
CA ALA A 36 -12.13 9.60 -6.01
C ALA A 36 -11.74 10.62 -4.95
N VAL A 37 -10.49 11.07 -4.99
CA VAL A 37 -10.02 12.13 -4.11
C VAL A 37 -10.00 13.43 -4.89
N ILE A 38 -10.72 14.43 -4.39
CA ILE A 38 -10.81 15.71 -5.12
C ILE A 38 -10.45 16.85 -4.20
N ARG A 39 -10.12 17.98 -4.83
CA ARG A 39 -9.92 19.22 -4.08
C ARG A 39 -11.23 19.67 -3.50
N ASN A 40 -11.20 20.11 -2.24
CA ASN A 40 -12.40 20.67 -1.63
C ASN A 40 -12.45 22.19 -1.95
N PRO A 41 -13.34 22.62 -2.85
CA PRO A 41 -13.35 24.05 -3.16
C PRO A 41 -13.72 24.97 -2.02
N TYR A 42 -14.24 24.39 -0.93
CA TYR A 42 -14.75 25.17 0.21
C TYR A 42 -14.01 25.02 1.49
N ALA A 43 -12.89 24.30 1.43
CA ALA A 43 -12.06 24.07 2.59
C ALA A 43 -11.63 25.40 3.16
N GLY A 44 -11.74 25.50 4.46
CA GLY A 44 -11.27 26.69 5.18
C GLY A 44 -12.19 27.87 5.30
N ARG A 45 -13.42 27.71 4.85
CA ARG A 45 -14.44 28.75 5.05
C ARG A 45 -15.84 28.18 5.06
N TYR A 46 -16.74 28.97 5.60
CA TYR A 46 -18.16 28.63 5.63
C TYR A 46 -18.80 29.17 4.39
N GLU A 47 -19.26 28.26 3.54
CA GLU A 47 -19.93 28.60 2.32
C GLU A 47 -21.41 28.31 2.52
N PRO A 48 -22.27 29.34 2.47
CA PRO A 48 -23.70 29.08 2.70
C PRO A 48 -24.40 28.26 1.60
N ASP A 49 -23.92 28.39 0.37
CA ASP A 49 -24.54 27.73 -0.80
C ASP A 49 -23.69 26.63 -1.40
N LEU A 50 -24.00 25.41 -0.97
CA LEU A 50 -23.29 24.19 -1.46
C LEU A 50 -24.07 23.47 -2.58
N MSE A 51 -25.14 24.12 -3.03
CA MSE A 51 -26.04 23.52 -4.06
C MSE A 51 -25.37 23.30 -5.41
O MSE A 51 -25.50 22.22 -5.99
CB MSE A 51 -27.39 24.26 -4.16
CG MSE A 51 -28.15 24.35 -2.83
SE MSE A 51 -28.56 22.66 -1.98
CE MSE A 51 -30.03 22.09 -3.07
N PRO A 52 -24.63 24.29 -5.93
CA PRO A 52 -23.95 24.05 -7.20
C PRO A 52 -22.96 22.89 -7.11
N PHE A 53 -22.25 22.80 -5.99
CA PHE A 53 -21.27 21.72 -5.78
C PHE A 53 -22.00 20.37 -5.78
N MSE A 54 -23.06 20.27 -5.00
CA MSE A 54 -23.86 19.06 -4.92
C MSE A 54 -24.39 18.63 -6.29
O MSE A 54 -24.41 17.44 -6.66
CB MSE A 54 -25.03 19.24 -3.96
CG MSE A 54 -25.81 17.95 -3.78
SE MSE A 54 -26.99 18.05 -2.25
CE MSE A 54 -28.36 19.15 -3.02
N ALA A 55 -24.84 19.62 -7.07
CA ALA A 55 -25.34 19.34 -8.41
C ALA A 55 -24.28 18.79 -9.33
N GLU A 56 -23.11 19.44 -9.34
CA GLU A 56 -22.05 19.01 -10.25
CA GLU A 56 -22.02 19.03 -10.23
C GLU A 56 -21.50 17.64 -9.87
N LEU A 57 -21.50 17.35 -8.59
CA LEU A 57 -20.98 16.07 -8.08
C LEU A 57 -21.74 14.86 -8.60
N ARG A 58 -22.97 15.07 -9.07
CA ARG A 58 -23.68 13.94 -9.67
C ARG A 58 -22.85 13.29 -10.78
N SER A 59 -22.10 14.10 -11.53
CA SER A 59 -21.25 13.62 -12.63
CA SER A 59 -21.27 13.60 -12.62
C SER A 59 -20.15 12.70 -12.12
N LEU A 60 -19.62 13.00 -10.93
CA LEU A 60 -18.59 12.15 -10.30
C LEU A 60 -19.25 10.82 -9.88
N GLY A 61 -20.48 10.93 -9.41
CA GLY A 61 -21.25 9.74 -9.05
C GLY A 61 -21.42 8.84 -10.26
N THR A 62 -21.77 9.42 -11.40
CA THR A 62 -21.92 8.62 -12.62
C THR A 62 -20.64 7.90 -13.02
N LEU A 63 -19.54 8.61 -12.92
CA LEU A 63 -18.24 8.07 -13.29
C LEU A 63 -17.91 6.82 -12.47
N LEU A 64 -18.01 7.00 -11.16
CA LEU A 64 -17.66 5.93 -10.22
C LEU A 64 -18.63 4.74 -10.35
N ALA A 65 -19.91 5.04 -10.48
CA ALA A 65 -20.89 3.97 -10.55
C ALA A 65 -20.68 3.17 -11.82
N THR A 66 -20.41 3.89 -12.90
CA THR A 66 -20.17 3.25 -14.21
C THR A 66 -18.99 2.28 -14.16
N GLU A 67 -17.92 2.70 -13.50
CA GLU A 67 -16.75 1.84 -13.30
C GLU A 67 -17.13 0.56 -12.55
N LEU A 68 -17.93 0.73 -11.50
CA LEU A 68 -18.38 -0.43 -10.69
C LEU A 68 -19.19 -1.42 -11.49
N VAL A 69 -20.13 -0.93 -12.28
CA VAL A 69 -20.94 -1.81 -13.13
CA VAL A 69 -20.94 -1.84 -13.11
C VAL A 69 -20.07 -2.51 -14.17
N ASP A 70 -19.11 -1.77 -14.73
CA ASP A 70 -18.21 -2.35 -15.72
C ASP A 70 -17.34 -3.43 -15.09
N THR A 71 -16.98 -3.21 -13.83
CA THR A 71 -16.17 -4.15 -13.10
C THR A 71 -16.88 -5.42 -12.68
N LEU A 72 -18.08 -5.30 -12.14
CA LEU A 72 -18.83 -6.46 -11.63
C LEU A 72 -19.82 -7.15 -12.57
N GLY A 73 -20.30 -6.38 -13.54
CA GLY A 73 -21.30 -6.80 -14.49
C GLY A 73 -22.66 -6.32 -14.01
N LYS A 74 -23.38 -5.65 -14.91
CA LYS A 74 -24.71 -5.04 -14.61
C LYS A 74 -25.76 -5.99 -14.04
N ASP A 75 -25.75 -7.21 -14.54
CA ASP A 75 -26.71 -8.23 -14.10
C ASP A 75 -26.31 -8.87 -12.75
N ASN A 76 -25.14 -8.52 -12.23
CA ASN A 76 -24.63 -9.13 -11.02
C ASN A 76 -24.70 -8.28 -9.79
N ILE A 77 -25.33 -7.12 -9.88
CA ILE A 77 -25.37 -6.20 -8.75
C ILE A 77 -26.55 -6.48 -7.83
N GLU A 78 -26.24 -6.71 -6.55
CA GLU A 78 -27.28 -6.93 -5.54
C GLU A 78 -27.26 -5.99 -4.34
N VAL A 79 -26.11 -5.39 -4.05
CA VAL A 79 -26.00 -4.48 -2.91
C VAL A 79 -25.19 -3.25 -3.27
N TYR A 80 -25.47 -2.17 -2.56
CA TYR A 80 -24.74 -0.92 -2.76
C TYR A 80 -24.68 -0.03 -1.53
N SER A 81 -23.79 0.94 -1.64
CA SER A 81 -23.56 1.96 -0.62
C SER A 81 -22.79 3.15 -1.18
N LYS A 82 -22.71 4.18 -0.36
CA LYS A 82 -21.99 5.43 -0.72
C LYS A 82 -21.33 6.01 0.52
N ALA A 83 -20.22 6.69 0.33
CA ALA A 83 -19.47 7.24 1.48
C ALA A 83 -18.67 8.45 1.10
N ALA A 84 -18.33 9.23 2.13
CA ALA A 84 -17.48 10.42 1.97
C ALA A 84 -16.59 10.64 3.18
N ILE A 85 -15.33 11.01 2.91
CA ILE A 85 -14.44 11.36 3.98
C ILE A 85 -13.91 12.76 3.63
N VAL A 86 -14.16 13.73 4.49
CA VAL A 86 -13.79 15.13 4.24
C VAL A 86 -12.50 15.40 5.00
N GLY A 87 -11.57 16.13 4.40
CA GLY A 87 -10.30 16.46 5.04
C GLY A 87 -10.52 17.42 6.18
N VAL A 88 -9.54 17.56 7.07
CA VAL A 88 -9.75 18.30 8.35
C VAL A 88 -10.03 19.78 8.24
N ASP A 89 -9.73 20.39 7.09
CA ASP A 89 -10.04 21.82 6.89
C ASP A 89 -11.45 22.07 6.35
N GLY A 90 -12.18 21.01 6.10
CA GLY A 90 -13.56 21.05 5.64
C GLY A 90 -14.55 20.85 6.77
N GLU A 91 -15.78 20.58 6.38
CA GLU A 91 -16.89 20.35 7.31
C GLU A 91 -17.71 19.19 6.80
N MSE A 92 -18.53 18.65 7.69
CA MSE A 92 -19.35 17.49 7.40
CA MSE A 92 -19.32 17.48 7.36
C MSE A 92 -20.27 17.76 6.23
O MSE A 92 -20.55 16.87 5.42
CB MSE A 92 -20.19 17.07 8.63
CB MSE A 92 -20.07 16.92 8.57
CG MSE A 92 -20.84 15.72 8.47
CG MSE A 92 -21.09 15.88 8.17
SE MSE A 92 -19.53 14.31 8.60
SE MSE A 92 -21.68 14.93 9.69
CE MSE A 92 -19.65 13.97 10.49
CE MSE A 92 -20.25 13.61 9.85
N GLU A 93 -20.77 18.99 6.15
CA GLU A 93 -21.71 19.33 5.07
C GLU A 93 -21.09 19.11 3.69
N HIS A 94 -19.77 19.20 3.62
CA HIS A 94 -19.00 18.98 2.36
C HIS A 94 -19.07 17.53 1.91
N GLY A 95 -19.26 16.64 2.87
CA GLY A 95 -19.49 15.22 2.59
C GLY A 95 -20.94 14.89 2.37
N ALA A 96 -21.82 15.64 3.04
CA ALA A 96 -23.28 15.42 2.98
C ALA A 96 -23.85 15.60 1.58
N VAL A 97 -23.16 16.39 0.78
CA VAL A 97 -23.59 16.58 -0.62
C VAL A 97 -23.67 15.25 -1.42
N TRP A 98 -22.94 14.25 -0.93
CA TRP A 98 -22.82 12.97 -1.62
C TRP A 98 -24.05 12.07 -1.48
N HIS A 99 -24.91 12.36 -0.52
CA HIS A 99 -26.14 11.55 -0.35
C HIS A 99 -26.93 11.59 -1.66
N GLU A 100 -27.15 12.80 -2.14
CA GLU A 100 -27.84 12.99 -3.41
C GLU A 100 -26.92 12.66 -4.58
N ALA A 101 -25.74 13.25 -4.60
CA ALA A 101 -24.87 13.17 -5.78
C ALA A 101 -24.44 11.74 -6.11
N GLY A 102 -24.08 11.00 -5.08
CA GLY A 102 -23.64 9.65 -5.25
C GLY A 102 -24.81 8.72 -5.39
N GLY A 103 -25.79 8.88 -4.51
CA GLY A 103 -26.96 8.00 -4.51
C GLY A 103 -27.80 8.06 -5.74
N TRP A 104 -28.20 9.26 -6.12
CA TRP A 104 -29.04 9.39 -7.30
C TRP A 104 -28.32 8.95 -8.58
N ALA A 105 -27.05 9.30 -8.69
CA ALA A 105 -26.26 8.93 -9.86
C ALA A 105 -26.15 7.42 -9.98
N MSE A 106 -25.90 6.76 -8.86
CA MSE A 106 -25.73 5.30 -8.88
C MSE A 106 -27.04 4.62 -9.21
O MSE A 106 -27.12 3.71 -10.03
CB MSE A 106 -25.14 4.78 -7.56
CG MSE A 106 -25.08 3.26 -7.52
SE MSE A 106 -23.77 2.66 -6.27
CE MSE A 106 -24.59 3.41 -4.74
N ARG A 107 -28.11 5.10 -8.61
CA ARG A 107 -29.42 4.50 -8.87
C ARG A 107 -29.79 4.66 -10.35
N SER A 108 -29.42 5.78 -10.93
CA SER A 108 -29.71 6.03 -12.36
C SER A 108 -28.95 5.07 -13.24
N VAL A 109 -27.69 4.86 -12.89
CA VAL A 109 -26.85 3.93 -13.63
C VAL A 109 -27.41 2.54 -13.62
N LEU A 110 -27.98 2.16 -12.49
CA LEU A 110 -28.58 0.83 -12.27
C LEU A 110 -30.04 0.66 -12.71
N GLY A 111 -30.60 1.70 -13.32
CA GLY A 111 -31.97 1.59 -13.84
C GLY A 111 -33.04 1.77 -12.79
N GLU A 112 -32.69 2.57 -11.80
CA GLU A 112 -33.60 3.02 -10.75
C GLU A 112 -34.13 1.93 -9.80
N PRO A 113 -33.21 1.14 -9.18
CA PRO A 113 -33.64 0.23 -8.11
C PRO A 113 -34.24 1.10 -6.99
N LYS A 114 -35.12 0.50 -6.21
CA LYS A 114 -35.97 1.26 -5.30
C LYS A 114 -35.45 1.56 -3.92
N ALA A 115 -34.45 0.80 -3.46
CA ALA A 115 -33.97 1.00 -2.10
C ALA A 115 -33.06 2.21 -2.00
N MSE A 116 -33.22 2.95 -0.91
CA MSE A 116 -32.34 4.08 -0.64
CA MSE A 116 -32.34 4.07 -0.61
C MSE A 116 -30.94 3.51 -0.52
O MSE A 116 -30.75 2.40 -0.01
CB MSE A 116 -32.73 4.81 0.65
CB MSE A 116 -32.72 4.68 0.73
CG MSE A 116 -31.98 6.12 0.85
CG MSE A 116 -31.87 5.87 1.07
SE MSE A 116 -32.56 7.12 2.44
SE MSE A 116 -32.49 6.78 2.67
CE MSE A 116 -31.78 5.91 3.76
CE MSE A 116 -32.33 8.49 1.86
N VAL A 117 -29.94 4.27 -0.97
CA VAL A 117 -28.60 3.81 -0.92
C VAL A 117 -28.13 4.14 0.51
N PRO A 118 -27.57 3.16 1.25
CA PRO A 118 -27.07 3.44 2.61
C PRO A 118 -25.77 4.23 2.52
N ALA A 119 -25.33 4.79 3.64
CA ALA A 119 -24.22 5.72 3.60
C ALA A 119 -23.56 5.89 4.93
N VAL A 120 -22.33 6.36 4.85
CA VAL A 120 -21.60 6.81 6.03
C VAL A 120 -20.61 7.88 5.58
N LYS A 121 -20.26 8.80 6.49
CA LYS A 121 -19.34 9.88 6.22
C LYS A 121 -18.66 10.35 7.48
N ALA A 122 -17.56 11.04 7.28
CA ALA A 122 -16.78 11.64 8.37
C ALA A 122 -15.92 12.74 7.86
N VAL A 123 -15.49 13.57 8.81
CA VAL A 123 -14.41 14.55 8.59
C VAL A 123 -13.22 13.91 9.31
N ALA A 124 -12.09 13.75 8.62
CA ALA A 124 -10.99 12.96 9.17
C ALA A 124 -9.65 13.31 8.60
N THR A 125 -8.64 12.74 9.20
CA THR A 125 -7.27 12.94 8.77
C THR A 125 -6.95 12.03 7.57
N ALA A 126 -5.90 12.38 6.85
CA ALA A 126 -5.47 11.59 5.70
C ALA A 126 -5.18 10.19 6.19
N GLY A 127 -5.64 9.22 5.43
CA GLY A 127 -5.41 7.81 5.74
C GLY A 127 -6.50 7.17 6.57
N TYR A 128 -7.51 7.94 6.97
CA TYR A 128 -8.61 7.40 7.76
C TYR A 128 -9.32 6.29 7.00
N ARG A 129 -9.62 5.22 7.72
CA ARG A 129 -10.29 4.07 7.14
C ARG A 129 -11.67 3.93 7.73
N MSE A 130 -12.63 3.62 6.90
CA MSE A 130 -14.02 3.59 7.30
C MSE A 130 -14.79 2.41 6.75
O MSE A 130 -14.68 2.08 5.56
CB MSE A 130 -14.67 4.91 6.83
CG MSE A 130 -16.01 5.25 7.38
SE MSE A 130 -16.45 7.11 6.93
CE MSE A 130 -16.55 6.89 5.03
N MSE A 131 -15.58 1.78 7.63
CA MSE A 131 -16.45 0.65 7.25
CA MSE A 131 -16.42 0.65 7.26
C MSE A 131 -17.65 1.24 6.58
O MSE A 131 -18.28 2.18 7.11
CB MSE A 131 -16.97 -0.18 8.44
CB MSE A 131 -16.83 -0.15 8.49
CG MSE A 131 -15.91 -0.86 9.28
CG MSE A 131 -17.34 -1.50 8.17
SE MSE A 131 -14.82 -2.04 8.25
SE MSE A 131 -16.03 -2.55 7.17
CE MSE A 131 -16.14 -3.40 7.76
CE MSE A 131 -14.62 -2.41 8.48
N VAL A 132 -17.98 0.71 5.41
CA VAL A 132 -19.09 1.20 4.66
C VAL A 132 -20.17 0.13 4.55
N PRO A 133 -21.38 0.42 5.09
CA PRO A 133 -22.46 -0.57 5.06
C PRO A 133 -23.22 -0.63 3.78
N VAL A 134 -23.56 -1.83 3.35
CA VAL A 134 -24.33 -2.06 2.13
C VAL A 134 -25.61 -2.81 2.45
N HIS A 135 -26.61 -2.61 1.61
CA HIS A 135 -27.85 -3.39 1.67
C HIS A 135 -28.40 -3.68 0.29
N TYR A 136 -29.46 -4.48 0.24
CA TYR A 136 -30.03 -4.98 -1.03
C TYR A 136 -30.66 -3.84 -1.81
N ILE A 137 -30.36 -3.80 -3.10
CA ILE A 137 -30.80 -2.66 -3.94
C ILE A 137 -32.29 -2.54 -4.21
N HIS A 138 -33.02 -3.65 -4.12
CA HIS A 138 -34.44 -3.67 -4.43
C HIS A 138 -35.34 -3.67 -3.20
N ALA A 139 -34.76 -3.91 -2.02
CA ALA A 139 -35.53 -3.97 -0.77
C ALA A 139 -34.59 -3.98 0.39
N SER A 140 -34.53 -2.84 1.08
CA SER A 140 -33.57 -2.65 2.16
C SER A 140 -33.61 -3.66 3.29
N TYR A 141 -34.77 -4.25 3.52
CA TYR A 141 -34.99 -5.21 4.61
C TYR A 141 -34.51 -6.64 4.35
N VAL A 142 -34.02 -6.91 3.15
CA VAL A 142 -33.51 -8.28 2.86
C VAL A 142 -32.27 -8.55 3.74
N ARG A 143 -32.53 -9.36 4.77
CA ARG A 143 -31.57 -9.55 5.87
C ARG A 143 -30.26 -10.21 5.49
N SER A 144 -30.33 -11.13 4.52
CA SER A 144 -29.16 -11.86 4.07
C SER A 144 -28.07 -10.95 3.47
N HIS A 145 -28.48 -9.75 3.05
CA HIS A 145 -27.58 -8.87 2.25
C HIS A 145 -26.84 -7.76 2.98
N PHE A 146 -27.19 -7.54 4.22
CA PHE A 146 -26.52 -6.50 5.02
C PHE A 146 -25.08 -6.90 5.12
N ASN A 147 -24.19 -5.97 4.83
CA ASN A 147 -22.77 -6.26 4.87
C ASN A 147 -21.96 -4.99 4.92
N SER A 148 -20.65 -5.12 4.89
CA SER A 148 -19.76 -3.97 4.95
C SER A 148 -18.46 -4.21 4.20
N ILE A 149 -17.86 -3.11 3.78
CA ILE A 149 -16.49 -3.14 3.21
C ILE A 149 -15.76 -1.91 3.69
N GLU A 150 -14.48 -2.05 4.00
CA GLU A 150 -13.68 -0.91 4.46
C GLU A 150 -13.07 -0.17 3.29
N ILE A 151 -13.10 1.16 3.36
CA ILE A 151 -12.51 1.99 2.33
C ILE A 151 -11.54 2.94 3.00
N GLY A 152 -10.74 3.57 2.16
CA GLY A 152 -9.76 4.53 2.58
C GLY A 152 -8.56 4.55 1.65
N ILE A 153 -7.86 5.66 1.70
CA ILE A 153 -6.66 5.85 0.89
C ILE A 153 -5.61 6.42 1.81
N GLN A 154 -4.43 5.84 1.78
CA GLN A 154 -3.41 6.17 2.75
C GLN A 154 -3.10 7.65 2.91
N ASP A 155 -3.03 8.36 1.79
CA ASP A 155 -2.59 9.77 1.79
C ASP A 155 -3.73 10.73 1.43
N ALA A 156 -4.93 10.31 1.79
CA ALA A 156 -6.15 11.09 1.52
C ALA A 156 -7.27 10.83 2.51
N PRO A 157 -8.17 11.81 2.66
CA PRO A 157 -8.12 13.17 2.10
C PRO A 157 -7.13 14.00 2.90
N ARG A 158 -6.32 14.75 2.20
CA ARG A 158 -5.43 15.71 2.83
C ARG A 158 -6.37 16.84 3.31
N PRO A 159 -5.87 17.78 4.12
CA PRO A 159 -6.80 18.74 4.76
C PRO A 159 -7.81 19.47 3.86
N ARG A 160 -7.37 19.79 2.64
CA ARG A 160 -8.22 20.54 1.69
C ARG A 160 -8.77 19.68 0.57
N GLU A 161 -9.01 18.41 0.88
CA GLU A 161 -9.59 17.45 -0.07
C GLU A 161 -10.80 16.76 0.48
N ILE A 162 -11.47 16.05 -0.41
CA ILE A 162 -12.62 15.18 -0.06
C ILE A 162 -12.44 13.89 -0.82
N LEU A 163 -12.72 12.78 -0.14
CA LEU A 163 -12.71 11.46 -0.75
C LEU A 163 -14.18 11.04 -0.86
N PHE A 164 -14.61 10.80 -2.08
CA PHE A 164 -15.98 10.34 -2.35
C PHE A 164 -15.92 8.93 -2.87
N ALA A 165 -16.85 8.08 -2.43
CA ALA A 165 -16.83 6.66 -2.81
C ALA A 165 -18.19 6.06 -3.03
N LEU A 166 -18.22 5.09 -3.92
CA LEU A 166 -19.41 4.27 -4.13
C LEU A 166 -19.04 2.78 -3.95
N VAL A 167 -20.02 1.99 -3.54
CA VAL A 167 -19.83 0.56 -3.36
C VAL A 167 -20.95 -0.22 -4.01
N MSE A 168 -20.58 -1.30 -4.69
CA MSE A 168 -21.51 -2.28 -5.24
C MSE A 168 -21.02 -3.68 -4.87
O MSE A 168 -19.82 -3.91 -4.69
CB MSE A 168 -21.65 -2.20 -6.76
CG MSE A 168 -22.34 -0.92 -7.22
SE MSE A 168 -22.67 -0.99 -9.09
CE MSE A 168 -23.15 0.90 -9.31
N GLY A 169 -21.97 -4.58 -4.73
CA GLY A 169 -21.69 -5.96 -4.43
C GLY A 169 -22.63 -6.94 -5.12
N THR A 170 -22.23 -8.21 -5.12
CA THR A 170 -22.90 -9.24 -5.92
C THR A 170 -23.88 -10.17 -5.25
N GLY A 171 -24.04 -10.04 -3.94
CA GLY A 171 -24.94 -10.93 -3.23
C GLY A 171 -24.91 -10.84 -1.74
N ALA A 172 -25.34 -11.94 -1.13
CA ALA A 172 -25.46 -12.07 0.35
C ALA A 172 -24.16 -12.32 1.05
N ARG A 173 -24.21 -12.17 2.37
CA ARG A 173 -23.06 -12.52 3.22
C ARG A 173 -22.76 -14.00 2.93
N VAL A 174 -21.48 -14.38 2.95
CA VAL A 174 -21.08 -15.76 2.56
C VAL A 174 -21.72 -16.90 3.38
N HIS A 175 -22.03 -16.64 4.65
CA HIS A 175 -22.71 -17.61 5.51
C HIS A 175 -24.00 -17.06 6.12
N ALA A 176 -24.72 -16.24 5.34
CA ALA A 176 -26.01 -15.65 5.73
C ALA A 176 -26.93 -16.76 6.21
N ARG A 177 -27.46 -16.61 7.42
CA ARG A 177 -28.32 -17.66 8.00
C ARG A 177 -29.21 -17.18 9.12
N LEU A 178 -29.66 -15.95 9.02
CA LEU A 178 -30.46 -15.34 10.07
C LEU A 178 -31.91 -15.08 9.71
N GLY A 179 -32.35 -15.72 8.64
CA GLY A 179 -33.73 -15.59 8.19
C GLY A 179 -34.06 -14.19 7.72
N GLY A 180 -35.22 -13.72 8.11
CA GLY A 180 -35.67 -12.39 7.67
C GLY A 180 -36.21 -12.44 6.26
N LEU A 181 -36.56 -11.27 5.74
CA LEU A 181 -37.07 -11.13 4.38
C LEU A 181 -36.02 -11.62 3.41
N THR A 182 -36.44 -12.43 2.44
CA THR A 182 -35.53 -12.93 1.41
C THR A 182 -35.81 -12.19 0.11
N LYS A 183 -34.82 -12.19 -0.77
CA LYS A 183 -34.96 -11.55 -2.09
C LYS A 183 -36.22 -12.02 -2.78
N GLU A 184 -36.46 -13.31 -2.66
CA GLU A 184 -37.56 -13.94 -3.36
C GLU A 184 -38.93 -13.54 -2.83
N ALA A 185 -38.99 -13.16 -1.56
CA ALA A 185 -40.24 -12.81 -0.89
C ALA A 185 -40.62 -11.34 -1.05
N VAL A 186 -39.73 -10.55 -1.65
CA VAL A 186 -39.98 -9.12 -1.85
C VAL A 186 -41.28 -8.93 -2.62
N SER A 187 -42.20 -8.16 -2.04
CA SER A 187 -43.51 -7.96 -2.65
C SER A 187 -44.07 -6.54 -2.68
N VAL A 188 -43.61 -5.65 -1.82
CA VAL A 188 -44.17 -4.31 -1.76
C VAL A 188 -43.60 -3.39 -2.85
N HIS A 189 -42.32 -3.54 -3.12
CA HIS A 189 -41.60 -2.77 -4.14
C HIS A 189 -41.56 -1.29 -3.91
N ASP A 190 -41.50 -0.94 -2.62
CA ASP A 190 -41.40 0.44 -2.16
C ASP A 190 -39.96 0.78 -1.84
N GLY A 191 -39.08 -0.20 -2.01
CA GLY A 191 -37.65 -0.04 -1.70
C GLY A 191 -37.26 -0.61 -0.35
N GLN A 192 -38.25 -1.06 0.40
CA GLN A 192 -38.03 -1.66 1.73
C GLN A 192 -38.32 -3.15 1.77
N ARG A 193 -39.50 -3.49 1.30
CA ARG A 193 -40.00 -4.88 1.36
C ARG A 193 -40.72 -5.32 0.08
N MSE B 2 -2.34 -33.28 0.52
CA MSE B 2 -3.34 -32.19 0.68
C MSE B 2 -2.66 -30.81 0.60
O MSE B 2 -1.57 -30.58 1.12
CB MSE B 2 -4.13 -32.35 1.99
N SER B 3 -3.34 -29.89 -0.08
CA SER B 3 -2.80 -28.56 -0.26
C SER B 3 -2.64 -27.83 1.05
N LEU B 4 -1.58 -27.06 1.10
CA LEU B 4 -1.28 -26.20 2.26
C LEU B 4 -1.82 -24.80 2.05
N ILE B 5 -2.55 -24.63 0.96
CA ILE B 5 -3.04 -23.29 0.56
C ILE B 5 -4.54 -23.23 0.55
N GLU B 6 -5.09 -22.52 1.51
CA GLU B 6 -6.55 -22.35 1.62
C GLU B 6 -6.85 -20.87 1.69
N ILE B 7 -7.46 -20.35 0.63
CA ILE B 7 -7.76 -18.89 0.51
C ILE B 7 -9.13 -18.52 1.11
N ARG B 8 -9.13 -17.57 2.03
CA ARG B 8 -10.35 -17.05 2.63
C ARG B 8 -10.92 -15.92 1.78
N LYS B 9 -10.04 -15.00 1.45
CA LYS B 9 -10.41 -13.82 0.65
C LYS B 9 -9.26 -13.25 -0.08
N ARG B 10 -9.59 -12.43 -1.06
CA ARG B 10 -8.62 -11.78 -1.92
C ARG B 10 -9.05 -10.34 -2.16
N THR B 11 -8.09 -9.47 -2.37
CA THR B 11 -8.39 -8.11 -2.78
C THR B 11 -7.51 -7.74 -3.95
N LEU B 12 -8.12 -6.97 -4.85
CA LEU B 12 -7.40 -6.38 -5.97
C LEU B 12 -7.59 -4.88 -5.81
N ILE B 13 -6.51 -4.11 -5.78
CA ILE B 13 -6.69 -2.65 -5.73
CA ILE B 13 -6.55 -2.65 -5.63
C ILE B 13 -5.92 -2.04 -6.87
N VAL B 14 -6.55 -1.03 -7.47
CA VAL B 14 -5.94 -0.28 -8.58
C VAL B 14 -6.03 1.18 -8.19
N GLU B 15 -4.88 1.81 -8.01
CA GLU B 15 -4.78 3.21 -7.65
C GLU B 15 -4.28 3.97 -8.85
N THR B 16 -5.06 4.94 -9.30
CA THR B 16 -4.70 5.76 -10.45
C THR B 16 -4.41 7.14 -9.92
N THR B 17 -3.17 7.60 -10.17
CA THR B 17 -2.75 8.93 -9.75
C THR B 17 -2.57 9.86 -10.96
N TYR B 18 -3.35 10.93 -10.93
CA TYR B 18 -3.35 11.90 -12.01
C TYR B 18 -2.29 12.99 -11.82
N HIS B 19 -2.06 13.33 -10.56
CA HIS B 19 -1.08 14.35 -10.19
C HIS B 19 -0.87 14.34 -8.70
N GLU B 20 0.11 15.14 -8.27
CA GLU B 20 0.34 15.45 -6.85
C GLU B 20 0.64 16.94 -6.69
N ASN B 21 -0.30 17.71 -7.24
CA ASN B 21 -0.35 19.17 -7.20
C ASN B 21 0.67 19.90 -8.08
N GLY B 22 1.26 19.15 -8.99
CA GLY B 22 2.22 19.64 -9.95
C GLY B 22 1.62 19.50 -11.34
N PRO B 23 2.39 19.82 -12.38
CA PRO B 23 1.90 19.67 -13.75
C PRO B 23 1.61 18.20 -14.05
N ALA B 24 0.38 17.92 -14.42
CA ALA B 24 -0.04 16.54 -14.59
C ALA B 24 0.67 15.89 -15.76
N PRO B 25 1.07 14.62 -15.62
CA PRO B 25 1.69 13.96 -16.75
C PRO B 25 0.65 13.57 -17.79
N ALA B 26 1.12 13.29 -19.01
CA ALA B 26 0.24 12.94 -20.13
C ALA B 26 -0.66 11.77 -19.79
N GLN B 27 -0.10 10.79 -19.11
CA GLN B 27 -0.91 9.66 -18.68
C GLN B 27 -0.73 9.43 -17.20
N PRO B 28 -1.80 9.09 -16.53
CA PRO B 28 -1.68 8.87 -15.11
C PRO B 28 -0.91 7.62 -14.77
N LEU B 29 -0.41 7.59 -13.55
CA LEU B 29 0.22 6.38 -13.04
C LEU B 29 -0.83 5.43 -12.48
N LYS B 30 -0.68 4.14 -12.78
CA LYS B 30 -1.50 3.13 -12.12
C LYS B 30 -0.55 2.18 -11.38
N LEU B 31 -0.90 1.97 -10.11
CA LEU B 31 -0.24 0.98 -9.24
C LEU B 31 -1.33 0.04 -8.76
N ALA B 32 -1.06 -1.26 -8.80
CA ALA B 32 -2.10 -2.25 -8.44
C ALA B 32 -1.54 -3.31 -7.54
N ALA B 33 -2.37 -3.78 -6.60
CA ALA B 33 -1.92 -4.82 -5.66
C ALA B 33 -2.98 -5.91 -5.67
N SER B 34 -2.50 -7.15 -5.68
CA SER B 34 -3.34 -8.33 -5.59
C SER B 34 -2.90 -9.05 -4.34
N CYS B 35 -3.85 -9.25 -3.42
CA CYS B 35 -3.61 -9.89 -2.13
C CYS B 35 -4.51 -11.10 -1.94
N ALA B 36 -3.97 -12.07 -1.22
CA ALA B 36 -4.69 -13.26 -0.80
C ALA B 36 -4.41 -13.53 0.68
N VAL B 37 -5.51 -13.84 1.38
CA VAL B 37 -5.50 -14.19 2.80
C VAL B 37 -5.68 -15.68 2.88
N ILE B 38 -4.67 -16.34 3.43
CA ILE B 38 -4.67 -17.80 3.56
C ILE B 38 -4.47 -18.25 5.00
N ARG B 39 -4.92 -19.47 5.29
CA ARG B 39 -4.69 -20.05 6.60
C ARG B 39 -3.21 -20.32 6.74
N ASN B 40 -2.69 -20.08 7.94
CA ASN B 40 -1.31 -20.40 8.24
C ASN B 40 -1.23 -21.81 8.82
N PRO B 41 -0.71 -22.79 8.05
CA PRO B 41 -0.66 -24.16 8.60
C PRO B 41 0.32 -24.37 9.77
N TYR B 42 1.16 -23.37 10.05
CA TYR B 42 2.20 -23.44 11.10
C TYR B 42 2.02 -22.51 12.30
N ALA B 43 0.89 -21.80 12.28
CA ALA B 43 0.59 -20.83 13.35
C ALA B 43 0.60 -21.55 14.66
N GLY B 44 1.27 -20.94 15.62
CA GLY B 44 1.29 -21.46 16.97
C GLY B 44 2.32 -22.49 17.36
N ARG B 45 3.19 -22.82 16.41
CA ARG B 45 4.26 -23.77 16.67
C ARG B 45 5.43 -23.47 15.77
N TYR B 46 6.57 -23.95 16.19
CA TYR B 46 7.80 -23.82 15.44
C TYR B 46 8.00 -25.01 14.52
N GLU B 47 7.99 -24.74 13.23
CA GLU B 47 8.22 -25.78 12.23
C GLU B 47 9.58 -25.57 11.55
N PRO B 48 10.52 -26.51 11.72
CA PRO B 48 11.80 -26.25 11.10
C PRO B 48 11.82 -26.28 9.60
N ASP B 49 10.92 -27.06 9.01
CA ASP B 49 10.84 -27.27 7.56
C ASP B 49 9.66 -26.60 6.86
N LEU B 50 9.98 -25.42 6.34
CA LEU B 50 9.03 -24.59 5.63
C LEU B 50 9.19 -24.71 4.12
N MSE B 51 10.03 -25.65 3.70
CA MSE B 51 10.36 -25.75 2.26
C MSE B 51 9.18 -26.23 1.41
O MSE B 51 8.94 -25.67 0.34
CB MSE B 51 11.63 -26.57 2.02
CG MSE B 51 12.82 -26.06 2.78
SE MSE B 51 13.27 -24.22 2.37
CE MSE B 51 14.13 -24.58 0.69
N PRO B 52 8.41 -27.25 1.87
CA PRO B 52 7.23 -27.65 1.13
C PRO B 52 6.21 -26.52 0.93
N PHE B 53 5.99 -25.74 1.99
CA PHE B 53 5.05 -24.61 1.96
C PHE B 53 5.53 -23.57 0.93
N MSE B 54 6.81 -23.26 0.99
CA MSE B 54 7.40 -22.28 0.06
C MSE B 54 7.23 -22.74 -1.38
O MSE B 54 6.93 -21.95 -2.28
CB MSE B 54 8.86 -22.02 0.38
CG MSE B 54 9.43 -20.87 -0.37
SE MSE B 54 11.15 -20.34 0.28
CE MSE B 54 12.17 -21.84 -0.35
N ALA B 55 7.41 -24.03 -1.60
CA ALA B 55 7.28 -24.63 -2.93
C ALA B 55 5.86 -24.53 -3.46
N GLU B 56 4.90 -24.89 -2.64
CA GLU B 56 3.50 -24.85 -3.07
C GLU B 56 2.99 -23.42 -3.32
N LEU B 57 3.50 -22.48 -2.54
CA LEU B 57 3.11 -21.07 -2.67
C LEU B 57 3.46 -20.44 -4.00
N ARG B 58 4.35 -21.08 -4.76
CA ARG B 58 4.67 -20.54 -6.07
C ARG B 58 3.40 -20.42 -6.91
N SER B 59 2.49 -21.37 -6.75
CA SER B 59 1.22 -21.36 -7.51
CA SER B 59 1.21 -21.37 -7.48
C SER B 59 0.34 -20.17 -7.14
N LEU B 60 0.41 -19.78 -5.89
CA LEU B 60 -0.32 -18.59 -5.42
C LEU B 60 0.30 -17.35 -6.06
N GLY B 61 1.64 -17.31 -6.10
CA GLY B 61 2.38 -16.23 -6.77
C GLY B 61 1.90 -16.11 -8.21
N THR B 62 1.81 -17.23 -8.90
CA THR B 62 1.37 -17.23 -10.31
C THR B 62 -0.05 -16.71 -10.46
N LEU B 63 -0.92 -17.13 -9.57
CA LEU B 63 -2.31 -16.70 -9.61
C LEU B 63 -2.42 -15.18 -9.53
N LEU B 64 -1.75 -14.62 -8.53
CA LEU B 64 -1.83 -13.17 -8.24
C LEU B 64 -1.14 -12.36 -9.33
N ALA B 65 -0.01 -12.86 -9.79
CA ALA B 65 0.75 -12.13 -10.82
C ALA B 65 -0.06 -12.10 -12.10
N THR B 66 -0.68 -13.21 -12.42
CA THR B 66 -1.53 -13.31 -13.64
C THR B 66 -2.69 -12.33 -13.57
N GLU B 67 -3.27 -12.21 -12.40
CA GLU B 67 -4.38 -11.30 -12.22
C GLU B 67 -3.95 -9.86 -12.47
N LEU B 68 -2.76 -9.53 -11.99
CA LEU B 68 -2.24 -8.16 -12.14
C LEU B 68 -1.95 -7.84 -13.60
N VAL B 69 -1.37 -8.78 -14.33
CA VAL B 69 -1.10 -8.56 -15.76
CA VAL B 69 -1.09 -8.58 -15.77
C VAL B 69 -2.41 -8.41 -16.51
N ASP B 70 -3.37 -9.26 -16.18
CA ASP B 70 -4.68 -9.18 -16.83
C ASP B 70 -5.38 -7.83 -16.53
N THR B 71 -5.08 -7.27 -15.37
CA THR B 71 -5.70 -6.01 -14.93
C THR B 71 -5.06 -4.80 -15.58
N LEU B 72 -3.73 -4.74 -15.57
CA LEU B 72 -3.02 -3.59 -16.08
C LEU B 72 -2.63 -3.65 -17.54
N GLY B 73 -2.56 -4.87 -18.06
CA GLY B 73 -2.13 -5.17 -19.42
C GLY B 73 -0.64 -5.51 -19.40
N LYS B 74 -0.31 -6.64 -20.00
CA LYS B 74 1.06 -7.16 -19.99
C LYS B 74 2.08 -6.19 -20.55
N ASP B 75 1.65 -5.35 -21.48
CA ASP B 75 2.54 -4.40 -22.13
C ASP B 75 2.78 -3.11 -21.33
N ASN B 76 2.11 -2.98 -20.18
CA ASN B 76 2.15 -1.74 -19.43
C ASN B 76 2.90 -1.78 -18.12
N ILE B 77 3.59 -2.86 -17.85
CA ILE B 77 4.26 -3.03 -16.58
C ILE B 77 5.67 -2.49 -16.54
N GLU B 78 5.91 -1.58 -15.60
CA GLU B 78 7.22 -1.02 -15.40
C GLU B 78 7.78 -1.13 -14.00
N VAL B 79 6.94 -1.33 -12.98
CA VAL B 79 7.43 -1.45 -11.60
C VAL B 79 6.73 -2.62 -10.89
N TYR B 80 7.39 -3.16 -9.88
CA TYR B 80 6.77 -4.23 -9.08
C TYR B 80 7.32 -4.29 -7.66
N SER B 81 6.66 -5.13 -6.86
CA SER B 81 7.01 -5.42 -5.51
C SER B 81 6.23 -6.62 -5.03
N LYS B 82 6.56 -7.01 -3.81
CA LYS B 82 5.90 -8.16 -3.19
C LYS B 82 5.88 -7.91 -1.71
N ALA B 83 4.90 -8.47 -1.03
CA ALA B 83 4.82 -8.20 0.41
C ALA B 83 4.05 -9.27 1.14
N ALA B 84 4.30 -9.34 2.44
CA ALA B 84 3.61 -10.32 3.30
C ALA B 84 3.30 -9.75 4.67
N ILE B 85 2.12 -10.07 5.17
CA ILE B 85 1.73 -9.72 6.52
C ILE B 85 1.26 -11.02 7.19
N VAL B 86 1.97 -11.39 8.24
CA VAL B 86 1.70 -12.63 8.95
C VAL B 86 0.91 -12.28 10.20
N GLY B 87 -0.07 -13.12 10.51
CA GLY B 87 -0.86 -12.92 11.71
C GLY B 87 -0.08 -13.13 12.97
N VAL B 88 -0.63 -12.65 14.08
CA VAL B 88 0.16 -12.62 15.33
C VAL B 88 0.54 -13.96 15.93
N ASP B 89 -0.15 -15.03 15.54
CA ASP B 89 0.23 -16.37 16.00
C ASP B 89 1.31 -17.04 15.13
N GLY B 90 1.80 -16.34 14.11
CA GLY B 90 2.84 -16.85 13.25
C GLY B 90 4.17 -16.23 13.56
N GLU B 91 5.08 -16.32 12.60
CA GLU B 91 6.41 -15.75 12.69
C GLU B 91 6.81 -15.16 11.36
N MSE B 92 7.84 -14.33 11.40
CA MSE B 92 8.33 -13.62 10.22
CA MSE B 92 8.29 -13.63 10.20
C MSE B 92 8.69 -14.61 9.11
O MSE B 92 8.43 -14.36 7.95
CB MSE B 92 9.57 -12.78 10.57
CB MSE B 92 9.45 -12.66 10.45
CG MSE B 92 9.90 -11.66 9.61
CG MSE B 92 9.94 -12.02 9.17
SE MSE B 92 8.55 -10.26 9.49
SE MSE B 92 10.97 -10.42 9.44
CE MSE B 92 9.77 -8.75 9.21
CE MSE B 92 9.57 -9.32 10.26
N GLU B 93 9.28 -15.73 9.51
CA GLU B 93 9.70 -16.74 8.54
C GLU B 93 8.54 -17.25 7.67
N HIS B 94 7.32 -17.20 8.21
CA HIS B 94 6.14 -17.64 7.44
C HIS B 94 5.79 -16.68 6.29
N GLY B 95 6.25 -15.45 6.44
CA GLY B 95 6.10 -14.44 5.40
C GLY B 95 7.31 -14.47 4.48
N ALA B 96 8.45 -14.81 5.02
CA ALA B 96 9.70 -14.78 4.26
C ALA B 96 9.73 -15.79 3.11
N VAL B 97 8.88 -16.79 3.21
CA VAL B 97 8.70 -17.75 2.10
C VAL B 97 8.26 -17.07 0.77
N TRP B 98 7.67 -15.88 0.89
CA TRP B 98 7.13 -15.15 -0.27
C TRP B 98 8.23 -14.50 -1.14
N HIS B 99 9.42 -14.31 -0.59
CA HIS B 99 10.52 -13.76 -1.40
C HIS B 99 10.70 -14.62 -2.65
N GLU B 100 10.82 -15.94 -2.45
CA GLU B 100 10.96 -16.85 -3.57
C GLU B 100 9.62 -17.11 -4.23
N ALA B 101 8.60 -17.43 -3.44
CA ALA B 101 7.30 -17.84 -4.00
C ALA B 101 6.64 -16.74 -4.80
N GLY B 102 6.66 -15.53 -4.28
CA GLY B 102 6.03 -14.39 -4.97
C GLY B 102 6.92 -13.81 -6.04
N GLY B 103 8.18 -13.64 -5.70
CA GLY B 103 9.16 -13.02 -6.59
C GLY B 103 9.39 -13.81 -7.84
N TRP B 104 9.69 -15.08 -7.67
CA TRP B 104 10.01 -15.94 -8.83
C TRP B 104 8.81 -16.16 -9.71
N ALA B 105 7.67 -16.38 -9.09
CA ALA B 105 6.43 -16.55 -9.85
C ALA B 105 6.14 -15.33 -10.68
N MSE B 106 6.25 -14.16 -10.07
CA MSE B 106 5.95 -12.93 -10.78
C MSE B 106 6.94 -12.69 -11.91
O MSE B 106 6.56 -12.38 -13.04
CB MSE B 106 5.88 -11.73 -9.82
CG MSE B 106 5.62 -10.44 -10.54
SE MSE B 106 4.95 -9.06 -9.45
CE MSE B 106 6.36 -9.05 -8.23
N ARG B 107 8.21 -12.87 -11.62
CA ARG B 107 9.20 -12.68 -12.66
C ARG B 107 8.97 -13.63 -13.82
N SER B 108 8.53 -14.86 -13.53
CA SER B 108 8.26 -15.82 -14.62
C SER B 108 7.06 -15.41 -15.49
N VAL B 109 6.01 -14.91 -14.83
CA VAL B 109 4.81 -14.40 -15.53
C VAL B 109 5.17 -13.25 -16.45
N LEU B 110 6.13 -12.45 -16.03
CA LEU B 110 6.56 -11.26 -16.77
C LEU B 110 7.70 -11.48 -17.79
N GLY B 111 8.09 -12.73 -18.08
CA GLY B 111 9.17 -12.97 -19.06
C GLY B 111 10.57 -12.76 -18.52
N GLU B 112 10.70 -12.94 -17.21
CA GLU B 112 12.02 -12.85 -16.50
C GLU B 112 12.72 -11.48 -16.59
N PRO B 113 12.01 -10.40 -16.22
CA PRO B 113 12.74 -9.13 -16.06
C PRO B 113 13.86 -9.33 -15.04
N LYS B 114 14.87 -8.49 -15.14
CA LYS B 114 16.13 -8.69 -14.41
C LYS B 114 16.24 -8.14 -13.01
N ALA B 115 15.47 -7.10 -12.70
CA ALA B 115 15.56 -6.50 -11.36
C ALA B 115 14.96 -7.39 -10.28
N MSE B 116 15.68 -7.49 -9.17
CA MSE B 116 15.15 -8.20 -7.99
C MSE B 116 13.84 -7.52 -7.63
O MSE B 116 13.73 -6.31 -7.71
CB MSE B 116 16.08 -8.11 -6.80
CG MSE B 116 15.63 -8.92 -5.60
SE MSE B 116 16.96 -8.91 -4.15
CE MSE B 116 16.61 -7.18 -3.52
N VAL B 117 12.88 -8.26 -7.17
CA VAL B 117 11.60 -7.66 -6.80
C VAL B 117 11.79 -7.15 -5.38
N PRO B 118 11.51 -5.87 -5.12
CA PRO B 118 11.65 -5.38 -3.75
C PRO B 118 10.52 -5.95 -2.91
N ALA B 119 10.67 -5.82 -1.60
CA ALA B 119 9.74 -6.44 -0.69
C ALA B 119 9.69 -5.78 0.66
N VAL B 120 8.60 -6.01 1.37
CA VAL B 120 8.50 -5.65 2.80
C VAL B 120 7.57 -6.66 3.43
N LYS B 121 7.79 -6.94 4.70
CA LYS B 121 6.91 -7.86 5.40
C LYS B 121 6.86 -7.51 6.85
N ALA B 122 5.83 -8.02 7.50
CA ALA B 122 5.63 -7.77 8.93
C ALA B 122 4.76 -8.87 9.53
N VAL B 123 4.87 -9.05 10.84
CA VAL B 123 3.95 -9.87 11.64
C VAL B 123 3.11 -8.82 12.36
N ALA B 124 1.79 -8.89 12.20
CA ALA B 124 0.96 -7.80 12.68
C ALA B 124 -0.46 -8.25 12.96
N THR B 125 -1.18 -7.34 13.59
CA THR B 125 -2.59 -7.56 13.92
CA THR B 125 -2.57 -7.49 13.93
C THR B 125 -3.45 -7.36 12.67
N ALA B 126 -4.64 -7.94 12.72
CA ALA B 126 -5.58 -7.83 11.62
C ALA B 126 -5.83 -6.34 11.37
N GLY B 127 -5.86 -5.98 10.10
CA GLY B 127 -6.07 -4.63 9.65
C GLY B 127 -4.84 -3.79 9.45
N TYR B 128 -3.69 -4.34 9.80
CA TYR B 128 -2.46 -3.62 9.67
C TYR B 128 -2.29 -3.16 8.22
N ARG B 129 -1.90 -1.90 8.07
CA ARG B 129 -1.67 -1.27 6.75
C ARG B 129 -0.18 -1.11 6.55
N MSE B 130 0.32 -1.39 5.36
CA MSE B 130 1.75 -1.33 5.12
C MSE B 130 2.10 -0.73 3.77
O MSE B 130 1.52 -1.10 2.77
CB MSE B 130 2.30 -2.78 5.22
CG MSE B 130 3.78 -2.97 5.19
SE MSE B 130 4.26 -4.78 5.67
CE MSE B 130 3.63 -5.69 4.11
N MSE B 131 3.08 0.18 3.78
CA MSE B 131 3.57 0.81 2.53
CA MSE B 131 3.54 0.80 2.55
C MSE B 131 4.48 -0.18 1.87
O MSE B 131 5.42 -0.69 2.48
CB MSE B 131 4.41 2.07 2.78
CB MSE B 131 4.24 2.12 2.86
CG MSE B 131 3.74 3.20 3.46
CG MSE B 131 4.36 2.98 1.65
SE MSE B 131 2.23 3.87 2.50
SE MSE B 131 2.64 3.50 0.96
CE MSE B 131 3.04 4.43 0.84
CE MSE B 131 2.14 4.47 2.54
N VAL B 132 4.21 -0.44 0.60
CA VAL B 132 5.00 -1.40 -0.19
C VAL B 132 5.81 -0.68 -1.24
N PRO B 133 7.12 -0.81 -1.19
CA PRO B 133 7.91 -0.03 -2.13
C PRO B 133 8.09 -0.75 -3.44
N VAL B 134 8.10 0.02 -4.53
CA VAL B 134 8.31 -0.53 -5.85
C VAL B 134 9.48 0.09 -6.55
N HIS B 135 10.03 -0.66 -7.50
CA HIS B 135 11.05 -0.11 -8.38
C HIS B 135 10.95 -0.69 -9.77
N TYR B 136 11.76 -0.11 -10.66
CA TYR B 136 11.74 -0.50 -12.10
C TYR B 136 12.15 -1.93 -12.32
N ILE B 137 11.38 -2.60 -13.17
CA ILE B 137 11.54 -4.07 -13.35
C ILE B 137 12.81 -4.46 -14.10
N HIS B 138 13.40 -3.52 -14.83
CA HIS B 138 14.55 -3.84 -15.66
C HIS B 138 15.89 -3.37 -15.13
N ALA B 139 15.85 -2.50 -14.15
CA ALA B 139 17.04 -1.88 -13.61
C ALA B 139 16.64 -1.15 -12.34
N SER B 140 17.00 -1.73 -11.21
CA SER B 140 16.55 -1.25 -9.92
C SER B 140 16.91 0.20 -9.63
N TYR B 141 18.00 0.68 -10.23
CA TYR B 141 18.47 2.05 -9.94
C TYR B 141 17.78 3.17 -10.69
N VAL B 142 16.83 2.87 -11.57
CA VAL B 142 16.15 3.98 -12.34
C VAL B 142 15.38 4.84 -11.35
N ARG B 143 15.88 6.05 -11.17
CA ARG B 143 15.43 6.90 -10.05
C ARG B 143 14.00 7.37 -10.12
N SER B 144 13.53 7.61 -11.33
CA SER B 144 12.20 8.11 -11.57
C SER B 144 11.07 7.18 -11.10
N HIS B 145 11.41 5.90 -10.97
CA HIS B 145 10.41 4.85 -10.72
C HIS B 145 10.19 4.42 -9.28
N PHE B 146 11.10 4.76 -8.37
CA PHE B 146 10.90 4.43 -6.93
C PHE B 146 9.58 4.99 -6.51
N ASN B 147 8.77 4.17 -5.86
CA ASN B 147 7.44 4.57 -5.46
C ASN B 147 6.88 3.64 -4.40
N SER B 148 5.64 3.91 -3.99
CA SER B 148 5.02 3.10 -2.94
C SER B 148 3.55 3.06 -3.09
N ILE B 149 2.97 1.95 -2.63
CA ILE B 149 1.52 1.80 -2.52
C ILE B 149 1.20 1.13 -1.17
N GLU B 150 0.15 1.57 -0.51
CA GLU B 150 -0.24 0.97 0.76
C GLU B 150 -1.16 -0.23 0.53
N ILE B 151 -0.91 -1.32 1.24
CA ILE B 151 -1.79 -2.48 1.19
C ILE B 151 -2.31 -2.80 2.58
N GLY B 152 -3.32 -3.66 2.61
CA GLY B 152 -3.92 -4.11 3.85
C GLY B 152 -5.35 -4.51 3.64
N ILE B 153 -5.82 -5.39 4.50
CA ILE B 153 -7.22 -5.85 4.49
C ILE B 153 -7.69 -5.66 5.92
N GLN B 154 -8.87 -5.08 6.05
CA GLN B 154 -9.37 -4.69 7.35
C GLN B 154 -9.41 -5.77 8.41
N ASP B 155 -9.83 -6.96 7.99
CA ASP B 155 -10.03 -8.07 8.90
C ASP B 155 -8.99 -9.17 8.68
N ALA B 156 -7.84 -8.81 8.19
CA ALA B 156 -6.78 -9.79 7.94
C ALA B 156 -5.42 -9.19 8.11
N PRO B 157 -4.43 -10.04 8.39
CA PRO B 157 -4.55 -11.46 8.67
C PRO B 157 -4.97 -11.60 10.12
N ARG B 158 -5.88 -12.54 10.33
CA ARG B 158 -6.31 -12.89 11.67
C ARG B 158 -5.09 -13.68 12.22
N PRO B 159 -5.07 -13.96 13.53
CA PRO B 159 -3.89 -14.51 14.14
C PRO B 159 -3.25 -15.71 13.47
N ARG B 160 -4.08 -16.56 12.90
CA ARG B 160 -3.65 -17.83 12.30
C ARG B 160 -3.72 -17.83 10.77
N GLU B 161 -3.57 -16.64 10.22
CA GLU B 161 -3.56 -16.41 8.77
C GLU B 161 -2.31 -15.68 8.33
N ILE B 162 -2.17 -15.66 7.01
CA ILE B 162 -1.11 -14.87 6.34
C ILE B 162 -1.71 -14.19 5.13
N LEU B 163 -1.32 -12.93 4.94
CA LEU B 163 -1.72 -12.14 3.76
C LEU B 163 -0.49 -12.02 2.89
N PHE B 164 -0.62 -12.53 1.66
CA PHE B 164 0.45 -12.43 0.66
C PHE B 164 -0.01 -11.51 -0.46
N ALA B 165 0.93 -10.70 -0.95
CA ALA B 165 0.62 -9.71 -1.97
C ALA B 165 1.69 -9.49 -3.01
N LEU B 166 1.22 -9.14 -4.19
CA LEU B 166 2.11 -8.71 -5.28
C LEU B 166 1.63 -7.35 -5.72
N VAL B 167 2.56 -6.55 -6.21
CA VAL B 167 2.29 -5.23 -6.73
C VAL B 167 2.92 -5.07 -8.11
N MSE B 168 2.15 -4.46 -9.02
CA MSE B 168 2.67 -4.02 -10.33
C MSE B 168 2.17 -2.61 -10.61
O MSE B 168 1.10 -2.22 -10.15
CB MSE B 168 2.28 -4.91 -11.49
CG MSE B 168 2.84 -6.34 -11.40
SE MSE B 168 2.31 -7.31 -12.98
CE MSE B 168 2.73 -9.07 -12.35
N GLY B 169 2.95 -1.90 -11.40
CA GLY B 169 2.64 -0.53 -11.78
C GLY B 169 3.14 -0.20 -13.17
N THR B 170 2.64 0.93 -13.68
CA THR B 170 2.78 1.27 -15.12
C THR B 170 3.84 2.30 -15.50
N GLY B 171 4.45 2.95 -14.50
CA GLY B 171 5.45 3.95 -14.80
C GLY B 171 6.11 4.61 -13.62
N ALA B 172 6.62 5.80 -13.92
CA ALA B 172 7.37 6.64 -12.97
C ALA B 172 6.46 7.43 -12.05
N ARG B 173 7.04 7.97 -10.98
CA ARG B 173 6.29 8.92 -10.13
C ARG B 173 5.74 10.04 -11.04
N VAL B 174 4.57 10.54 -10.68
CA VAL B 174 3.88 11.54 -11.54
C VAL B 174 4.62 12.84 -11.75
N HIS B 175 5.48 13.21 -10.80
CA HIS B 175 6.30 14.43 -10.89
C HIS B 175 7.78 14.14 -10.70
N ALA B 176 8.20 12.98 -11.16
CA ALA B 176 9.63 12.62 -11.07
C ALA B 176 10.48 13.70 -11.72
N ARG B 177 11.46 14.15 -10.96
CA ARG B 177 12.38 15.23 -11.38
C ARG B 177 13.71 15.33 -10.65
N LEU B 178 14.26 14.17 -10.29
CA LEU B 178 15.51 14.12 -9.53
C LEU B 178 16.69 13.52 -10.27
N GLY B 179 16.54 13.43 -11.58
CA GLY B 179 17.63 12.92 -12.41
C GLY B 179 17.88 11.46 -12.11
N GLY B 180 19.16 11.12 -12.07
CA GLY B 180 19.61 9.75 -11.84
C GLY B 180 19.49 8.89 -13.09
N LEU B 181 19.64 7.58 -12.91
CA LEU B 181 19.59 6.66 -14.05
C LEU B 181 18.22 6.67 -14.65
N THR B 182 18.18 6.75 -15.96
CA THR B 182 16.94 6.76 -16.71
C THR B 182 16.78 5.46 -17.44
N LYS B 183 15.58 5.20 -17.90
CA LYS B 183 15.27 3.98 -18.67
C LYS B 183 16.17 3.89 -19.88
N GLU B 184 16.39 5.04 -20.52
CA GLU B 184 17.23 5.12 -21.70
CA GLU B 184 17.21 5.13 -21.73
C GLU B 184 18.70 4.89 -21.42
N ALA B 185 19.10 5.15 -20.19
CA ALA B 185 20.49 5.01 -19.79
C ALA B 185 20.84 3.63 -19.31
N VAL B 186 19.85 2.77 -19.12
CA VAL B 186 20.13 1.40 -18.66
C VAL B 186 21.00 0.73 -19.73
N SER B 187 22.15 0.25 -19.27
CA SER B 187 23.15 -0.33 -20.19
C SER B 187 23.82 -1.59 -19.77
N VAL B 188 23.80 -1.92 -18.48
CA VAL B 188 24.44 -3.14 -18.00
C VAL B 188 23.51 -4.31 -18.14
N HIS B 189 22.25 -4.05 -17.88
CA HIS B 189 21.19 -5.06 -17.96
C HIS B 189 21.42 -6.25 -17.03
N ASP B 190 21.90 -5.93 -15.84
CA ASP B 190 22.17 -6.89 -14.77
C ASP B 190 21.04 -6.91 -13.76
N GLY B 191 20.09 -6.01 -13.97
CA GLY B 191 18.97 -5.86 -13.08
C GLY B 191 19.13 -4.64 -12.19
N GLN B 192 20.30 -4.01 -12.27
CA GLN B 192 20.61 -2.81 -11.49
C GLN B 192 20.70 -1.55 -12.34
N ARG B 193 21.55 -1.62 -13.36
CA ARG B 193 21.88 -0.46 -14.19
C ARG B 193 22.02 -0.84 -15.65
N SER C 3 20.96 27.60 5.09
CA SER C 3 20.69 26.13 5.13
C SER C 3 19.21 25.75 5.00
N LEU C 4 19.01 24.71 4.18
CA LEU C 4 17.68 24.15 3.91
C LEU C 4 17.34 23.05 4.90
N ILE C 5 18.20 22.83 5.89
CA ILE C 5 18.01 21.76 6.87
C ILE C 5 17.89 22.34 8.27
N GLU C 6 16.68 22.29 8.81
CA GLU C 6 16.38 22.77 10.15
C GLU C 6 15.72 21.62 10.90
N ILE C 7 16.50 21.06 11.83
CA ILE C 7 16.11 19.89 12.61
C ILE C 7 15.34 20.25 13.87
N ARG C 8 14.15 19.67 13.99
CA ARG C 8 13.31 19.90 15.15
C ARG C 8 13.58 18.83 16.21
N LYS C 9 13.60 17.61 15.76
CA LYS C 9 13.85 16.49 16.65
C LYS C 9 14.46 15.31 15.92
N ARG C 10 15.11 14.49 16.72
CA ARG C 10 15.73 13.26 16.25
C ARG C 10 15.39 12.10 17.16
N THR C 11 15.32 10.90 16.60
CA THR C 11 15.17 9.71 17.41
C THR C 11 16.16 8.65 16.96
N LEU C 12 16.63 7.90 17.93
CA LEU C 12 17.46 6.74 17.66
C LEU C 12 16.76 5.59 18.33
N ILE C 13 16.53 4.52 17.59
CA ILE C 13 15.94 3.33 18.16
C ILE C 13 16.78 2.11 17.87
N VAL C 14 16.99 1.30 18.90
CA VAL C 14 17.71 0.04 18.74
C VAL C 14 16.83 -1.07 19.25
N GLU C 15 16.50 -1.98 18.34
CA GLU C 15 15.62 -3.13 18.64
C GLU C 15 16.45 -4.39 18.67
N THR C 16 16.45 -5.04 19.84
CA THR C 16 17.17 -6.30 20.03
C THR C 16 16.19 -7.48 20.07
N THR C 17 16.37 -8.43 19.15
CA THR C 17 15.52 -9.63 19.06
C THR C 17 16.29 -10.87 19.47
N TYR C 18 15.83 -11.50 20.54
CA TYR C 18 16.44 -12.71 21.08
C TYR C 18 15.94 -13.97 20.39
N HIS C 19 14.66 -13.93 20.02
CA HIS C 19 13.99 -15.05 19.36
C HIS C 19 12.63 -14.61 18.85
N GLU C 20 12.02 -15.52 18.09
CA GLU C 20 10.62 -15.37 17.66
C GLU C 20 9.92 -16.73 17.80
N ASN C 21 10.00 -17.21 19.04
CA ASN C 21 9.37 -18.43 19.54
C ASN C 21 9.95 -19.73 19.02
N GLY C 22 11.13 -19.62 18.41
CA GLY C 22 11.92 -20.76 17.93
C GLY C 22 13.20 -20.87 18.77
N PRO C 23 14.07 -21.83 18.42
CA PRO C 23 15.36 -21.97 19.12
C PRO C 23 16.14 -20.69 19.00
N ALA C 24 16.50 -20.10 20.13
CA ALA C 24 17.14 -18.79 20.10
C ALA C 24 18.53 -18.89 19.49
N PRO C 25 18.88 -17.96 18.58
CA PRO C 25 20.23 -18.02 18.04
C PRO C 25 21.28 -17.64 19.07
N ALA C 26 22.51 -17.97 18.71
CA ALA C 26 23.71 -17.71 19.53
C ALA C 26 23.80 -16.28 19.96
N GLN C 27 23.49 -15.37 19.04
CA GLN C 27 23.57 -13.97 19.34
C GLN C 27 22.30 -13.31 18.85
N PRO C 28 21.78 -12.35 19.61
CA PRO C 28 20.56 -11.72 19.14
C PRO C 28 20.80 -10.81 17.95
N LEU C 29 19.72 -10.48 17.29
CA LEU C 29 19.74 -9.53 16.19
C LEU C 29 19.50 -8.14 16.73
N LYS C 30 20.29 -7.17 16.26
CA LYS C 30 19.98 -5.76 16.51
C LYS C 30 19.73 -5.04 15.20
N LEU C 31 18.59 -4.33 15.17
CA LEU C 31 18.24 -3.43 14.09
C LEU C 31 18.12 -2.05 14.71
N ALA C 32 18.71 -1.05 14.08
CA ALA C 32 18.66 0.32 14.62
C ALA C 32 18.21 1.29 13.53
N ALA C 33 17.43 2.29 13.95
CA ALA C 33 16.95 3.35 13.06
C ALA C 33 17.35 4.70 13.65
N SER C 34 17.86 5.59 12.80
CA SER C 34 18.17 6.96 13.18
C SER C 34 17.35 7.88 12.31
N CYS C 35 16.54 8.71 12.95
CA CYS C 35 15.57 9.59 12.25
C CYS C 35 15.75 11.05 12.64
N ALA C 36 15.41 11.91 11.68
CA ALA C 36 15.45 13.35 11.86
C ALA C 36 14.23 13.99 11.25
N VAL C 37 13.60 14.88 12.00
CA VAL C 37 12.44 15.60 11.55
C VAL C 37 12.90 17.02 11.24
N ILE C 38 12.67 17.42 10.00
CA ILE C 38 13.06 18.74 9.51
C ILE C 38 11.95 19.49 8.86
N ARG C 39 12.16 20.80 8.77
CA ARG C 39 11.19 21.64 8.09
C ARG C 39 11.23 21.35 6.59
N ASN C 40 10.06 21.30 5.97
CA ASN C 40 9.99 21.15 4.52
C ASN C 40 10.05 22.55 3.86
N PRO C 41 11.17 22.86 3.18
CA PRO C 41 11.26 24.20 2.62
C PRO C 41 10.25 24.48 1.51
N TYR C 42 9.69 23.39 0.94
CA TYR C 42 8.83 23.48 -0.24
C TYR C 42 7.37 23.18 0.00
N ALA C 43 6.99 22.96 1.25
CA ALA C 43 5.61 22.60 1.56
C ALA C 43 4.64 23.66 1.07
N GLY C 44 3.60 23.24 0.37
CA GLY C 44 2.59 24.17 -0.13
C GLY C 44 2.71 24.74 -1.52
N ARG C 45 3.83 24.41 -2.18
N ARG C 45 3.80 24.40 -2.19
CA ARG C 45 4.08 24.88 -3.54
CA ARG C 45 4.01 24.83 -3.57
C ARG C 45 4.79 23.82 -4.34
C ARG C 45 4.74 23.78 -4.35
N TYR C 46 4.65 23.93 -5.66
CA TYR C 46 5.34 23.03 -6.59
C TYR C 46 6.67 23.68 -6.93
N GLU C 47 7.76 23.05 -6.48
CA GLU C 47 9.12 23.52 -6.75
C GLU C 47 9.73 22.63 -7.80
N PRO C 48 10.02 23.18 -8.98
CA PRO C 48 10.58 22.29 -10.00
C PRO C 48 12.01 21.81 -9.77
N ASP C 49 12.78 22.58 -9.01
CA ASP C 49 14.24 22.30 -8.74
C ASP C 49 14.51 21.93 -7.30
N LEU C 50 14.58 20.61 -7.07
CA LEU C 50 14.85 20.04 -5.75
C LEU C 50 16.29 19.56 -5.64
N MSE C 51 17.10 19.89 -6.64
CA MSE C 51 18.49 19.41 -6.69
C MSE C 51 19.32 20.03 -5.56
O MSE C 51 20.07 19.31 -4.92
CB MSE C 51 19.13 19.59 -8.08
CG MSE C 51 18.33 18.94 -9.21
SE MSE C 51 18.00 17.03 -8.96
CE MSE C 51 19.76 16.35 -9.38
N PRO C 52 19.20 21.35 -5.31
CA PRO C 52 20.02 21.90 -4.17
C PRO C 52 19.70 21.26 -2.81
N PHE C 53 18.44 20.95 -2.61
CA PHE C 53 17.97 20.32 -1.38
C PHE C 53 18.55 18.91 -1.28
N MSE C 54 18.47 18.18 -2.37
CA MSE C 54 18.99 16.81 -2.42
C MSE C 54 20.50 16.83 -2.11
O MSE C 54 21.01 15.97 -1.37
CB MSE C 54 18.72 16.16 -3.79
CG MSE C 54 19.08 14.66 -3.83
SE MSE C 54 18.31 13.81 -5.36
CE MSE C 54 19.55 14.41 -6.65
N ALA C 55 21.21 17.84 -2.64
CA ALA C 55 22.66 17.96 -2.42
C ALA C 55 22.97 18.22 -0.95
N GLU C 56 22.23 19.16 -0.38
CA GLU C 56 22.44 19.55 0.99
C GLU C 56 22.09 18.44 1.98
N LEU C 57 21.10 17.63 1.63
CA LEU C 57 20.65 16.53 2.48
C LEU C 57 21.71 15.44 2.69
N ARG C 58 22.73 15.44 1.81
CA ARG C 58 23.79 14.46 1.96
C ARG C 58 24.43 14.54 3.35
N SER C 59 24.56 15.75 3.90
CA SER C 59 25.22 15.92 5.20
C SER C 59 24.37 15.33 6.32
N LEU C 60 23.06 15.35 6.13
CA LEU C 60 22.09 14.78 7.11
C LEU C 60 22.22 13.26 7.04
N GLY C 61 22.41 12.74 5.83
CA GLY C 61 22.66 11.31 5.64
C GLY C 61 23.92 10.92 6.39
N THR C 62 24.96 11.71 6.22
CA THR C 62 26.22 11.40 6.90
C THR C 62 26.07 11.43 8.43
N LEU C 63 25.27 12.36 8.93
CA LEU C 63 25.06 12.51 10.37
C LEU C 63 24.37 11.30 10.96
N LEU C 64 23.30 10.89 10.29
CA LEU C 64 22.48 9.76 10.77
C LEU C 64 23.25 8.43 10.64
N ALA C 65 23.96 8.27 9.53
CA ALA C 65 24.74 7.07 9.27
C ALA C 65 25.87 6.92 10.27
N THR C 66 26.53 8.03 10.58
CA THR C 66 27.63 8.02 11.54
C THR C 66 27.11 7.62 12.93
N GLU C 67 25.93 8.10 13.27
CA GLU C 67 25.33 7.78 14.57
C GLU C 67 25.06 6.30 14.64
N LEU C 68 24.52 5.74 13.54
CA LEU C 68 24.22 4.30 13.52
C LEU C 68 25.47 3.46 13.62
N VAL C 69 26.56 3.84 12.94
CA VAL C 69 27.83 3.05 12.99
C VAL C 69 28.39 3.12 14.41
N ASP C 70 28.31 4.30 15.00
CA ASP C 70 28.78 4.52 16.37
C ASP C 70 27.95 3.75 17.40
N THR C 71 26.71 3.49 17.07
CA THR C 71 25.80 2.76 17.95
C THR C 71 26.03 1.23 17.89
N LEU C 72 26.09 0.69 16.67
CA LEU C 72 26.20 -0.77 16.47
C LEU C 72 27.62 -1.30 16.32
N GLY C 73 28.49 -0.45 15.80
CA GLY C 73 29.91 -0.78 15.58
C GLY C 73 30.07 -1.09 14.12
N LYS C 74 31.05 -0.43 13.47
CA LYS C 74 31.26 -0.55 12.00
C LYS C 74 31.42 -1.97 11.50
N ASP C 75 32.10 -2.77 12.30
CA ASP C 75 32.38 -4.16 11.92
C ASP C 75 31.20 -5.09 12.12
N ASN C 76 30.12 -4.60 12.68
CA ASN C 76 28.93 -5.43 12.97
C ASN C 76 27.77 -5.24 12.03
N ILE C 77 27.94 -4.40 11.02
CA ILE C 77 26.84 -4.04 10.16
C ILE C 77 26.68 -5.03 9.03
N GLU C 78 25.46 -5.56 8.90
CA GLU C 78 25.20 -6.50 7.81
C GLU C 78 24.00 -6.19 6.97
N VAL C 79 23.10 -5.36 7.47
CA VAL C 79 21.91 -4.95 6.69
C VAL C 79 21.66 -3.47 6.83
N TYR C 80 21.03 -2.89 5.82
CA TYR C 80 20.64 -1.46 5.89
C TYR C 80 19.41 -1.16 5.08
N SER C 81 18.91 0.05 5.31
CA SER C 81 17.76 0.63 4.56
C SER C 81 17.69 2.13 4.74
N LYS C 82 16.72 2.75 4.06
CA LYS C 82 16.53 4.21 4.17
C LYS C 82 15.05 4.48 3.98
N ALA C 83 14.57 5.56 4.56
CA ALA C 83 13.14 5.83 4.46
C ALA C 83 12.85 7.31 4.64
N ALA C 84 11.69 7.72 4.12
CA ALA C 84 11.22 9.08 4.29
C ALA C 84 9.69 9.12 4.45
N ILE C 85 9.25 9.98 5.35
CA ILE C 85 7.83 10.26 5.51
C ILE C 85 7.66 11.79 5.39
N VAL C 86 6.93 12.18 4.37
CA VAL C 86 6.66 13.58 4.09
C VAL C 86 5.33 13.99 4.70
N GLY C 87 5.29 15.19 5.30
CA GLY C 87 4.07 15.73 5.85
C GLY C 87 3.04 16.02 4.78
N VAL C 88 1.76 16.12 5.17
CA VAL C 88 0.66 16.19 4.22
C VAL C 88 0.61 17.39 3.31
N ASP C 89 1.36 18.47 3.65
CA ASP C 89 1.39 19.65 2.79
C ASP C 89 2.51 19.57 1.76
N GLY C 90 3.27 18.48 1.80
CA GLY C 90 4.31 18.26 0.83
C GLY C 90 3.89 17.29 -0.25
N GLU C 91 4.90 16.79 -0.91
CA GLU C 91 4.72 15.80 -1.95
C GLU C 91 5.76 14.71 -1.86
N MSE C 92 5.48 13.62 -2.55
CA MSE C 92 6.34 12.42 -2.57
CA MSE C 92 6.36 12.44 -2.53
C MSE C 92 7.76 12.73 -3.02
O MSE C 92 8.72 12.20 -2.48
CB MSE C 92 5.73 11.34 -3.48
CB MSE C 92 5.78 11.25 -3.30
CG MSE C 92 6.31 9.97 -3.33
CG MSE C 92 6.80 10.12 -3.44
SE MSE C 92 5.85 9.17 -1.60
SE MSE C 92 6.04 8.46 -4.08
CE MSE C 92 5.58 7.35 -2.26
CE MSE C 92 4.92 8.05 -2.51
N GLU C 93 7.90 13.64 -3.97
CA GLU C 93 9.22 13.99 -4.49
C GLU C 93 10.12 14.56 -3.41
N HIS C 94 9.50 15.19 -2.39
CA HIS C 94 10.24 15.76 -1.27
C HIS C 94 10.93 14.70 -0.42
N GLY C 95 10.38 13.49 -0.45
CA GLY C 95 10.98 12.34 0.22
C GLY C 95 11.96 11.59 -0.70
N ALA C 96 11.67 11.64 -1.99
CA ALA C 96 12.44 10.92 -3.01
C ALA C 96 13.90 11.37 -3.09
N VAL C 97 14.13 12.61 -2.65
CA VAL C 97 15.48 13.14 -2.62
C VAL C 97 16.37 12.26 -1.73
N TRP C 98 15.77 11.50 -0.82
CA TRP C 98 16.56 10.72 0.17
C TRP C 98 17.18 9.45 -0.38
N HIS C 99 16.70 9.01 -1.55
CA HIS C 99 17.29 7.84 -2.20
C HIS C 99 18.78 8.09 -2.39
N GLU C 100 19.12 9.25 -2.98
CA GLU C 100 20.52 9.58 -3.17
C GLU C 100 21.12 10.10 -1.89
N ALA C 101 20.44 11.04 -1.23
CA ALA C 101 21.10 11.72 -0.07
C ALA C 101 21.39 10.75 1.06
N GLY C 102 20.43 9.88 1.35
CA GLY C 102 20.57 8.90 2.42
C GLY C 102 21.46 7.73 2.02
N GLY C 103 21.22 7.21 0.85
CA GLY C 103 21.88 6.01 0.37
C GLY C 103 23.33 6.22 0.13
N TRP C 104 23.66 7.27 -0.60
CA TRP C 104 25.07 7.54 -0.91
C TRP C 104 25.87 7.89 0.34
N ALA C 105 25.26 8.66 1.23
CA ALA C 105 25.92 9.05 2.48
C ALA C 105 26.22 7.84 3.34
N MSE C 106 25.25 6.93 3.43
CA MSE C 106 25.42 5.73 4.25
C MSE C 106 26.46 4.78 3.67
O MSE C 106 27.32 4.24 4.36
CB MSE C 106 24.10 5.00 4.45
CG MSE C 106 24.27 3.76 5.33
SE MSE C 106 22.59 3.25 6.10
CE MSE C 106 21.59 3.08 4.53
N ARG C 107 26.43 4.62 2.35
CA ARG C 107 27.38 3.72 1.70
C ARG C 107 28.78 4.25 1.86
N SER C 108 28.93 5.58 1.81
CA SER C 108 30.23 6.19 1.98
CA SER C 108 30.24 6.17 1.98
C SER C 108 30.77 5.93 3.39
N VAL C 109 29.91 6.14 4.36
CA VAL C 109 30.26 5.90 5.77
C VAL C 109 30.69 4.45 6.00
N LEU C 110 30.07 3.54 5.28
CA LEU C 110 30.34 2.09 5.43
C LEU C 110 31.43 1.52 4.54
N GLY C 111 32.13 2.41 3.86
CA GLY C 111 33.24 2.01 3.01
C GLY C 111 32.83 1.39 1.69
N GLU C 112 31.69 1.85 1.18
CA GLU C 112 31.12 1.48 -0.12
C GLU C 112 30.73 0.03 -0.35
N PRO C 113 29.86 -0.48 0.50
CA PRO C 113 29.30 -1.82 0.25
C PRO C 113 28.55 -1.73 -1.04
N LYS C 114 28.42 -2.86 -1.73
CA LYS C 114 27.92 -2.88 -3.10
C LYS C 114 26.44 -2.92 -3.29
N ALA C 115 25.73 -3.41 -2.29
CA ALA C 115 24.27 -3.57 -2.47
C ALA C 115 23.56 -2.23 -2.47
N MSE C 116 22.57 -2.11 -3.34
CA MSE C 116 21.76 -0.91 -3.34
C MSE C 116 21.04 -0.90 -2.00
O MSE C 116 20.62 -1.92 -1.49
CB MSE C 116 20.66 -0.97 -4.41
CG MSE C 116 19.89 0.32 -4.57
SE MSE C 116 18.52 0.28 -6.01
CE MSE C 116 17.21 -0.83 -5.14
N VAL C 117 20.87 0.29 -1.43
CA VAL C 117 20.17 0.44 -0.17
C VAL C 117 18.70 0.37 -0.48
N PRO C 118 17.96 -0.52 0.20
CA PRO C 118 16.52 -0.58 -0.07
C PRO C 118 15.84 0.62 0.60
N ALA C 119 14.59 0.88 0.24
CA ALA C 119 13.87 2.07 0.74
C ALA C 119 12.37 1.94 0.65
N VAL C 120 11.70 2.80 1.41
CA VAL C 120 10.27 2.95 1.35
C VAL C 120 9.98 4.40 1.77
N LYS C 121 8.93 4.97 1.20
CA LYS C 121 8.54 6.35 1.52
C LYS C 121 7.08 6.51 1.43
N ALA C 122 6.62 7.60 2.05
CA ALA C 122 5.22 7.94 2.09
C ALA C 122 4.99 9.39 2.38
N VAL C 123 3.83 9.88 1.94
CA VAL C 123 3.35 11.20 2.35
C VAL C 123 2.27 10.83 3.35
N ALA C 124 2.34 11.37 4.57
CA ALA C 124 1.42 10.92 5.60
C ALA C 124 1.19 11.94 6.70
N THR C 125 0.24 11.61 7.56
CA THR C 125 -0.08 12.48 8.71
C THR C 125 0.94 12.24 9.83
N ALA C 126 1.03 13.21 10.74
CA ALA C 126 1.89 13.10 11.91
C ALA C 126 1.55 11.80 12.64
N GLY C 127 2.58 11.06 13.02
CA GLY C 127 2.39 9.81 13.76
C GLY C 127 2.35 8.57 12.90
N TYR C 128 2.38 8.75 11.58
CA TYR C 128 2.37 7.58 10.68
C TYR C 128 3.56 6.68 11.00
N ARG C 129 3.26 5.39 11.08
CA ARG C 129 4.22 4.34 11.35
C ARG C 129 4.44 3.55 10.07
N MSE C 130 5.69 3.25 9.76
CA MSE C 130 6.00 2.57 8.53
C MSE C 130 7.04 1.47 8.69
O MSE C 130 8.03 1.66 9.34
CB MSE C 130 6.50 3.63 7.57
CG MSE C 130 6.63 3.21 6.12
SE MSE C 130 6.95 4.74 4.99
CE MSE C 130 8.62 5.17 5.62
N MSE C 131 6.77 0.32 8.08
CA MSE C 131 7.71 -0.82 8.10
CA MSE C 131 7.69 -0.80 8.12
C MSE C 131 8.76 -0.54 7.08
O MSE C 131 8.47 -0.27 5.95
CB MSE C 131 7.09 -2.16 7.67
CB MSE C 131 6.97 -2.10 7.81
CG MSE C 131 5.97 -2.66 8.50
CG MSE C 131 7.74 -3.33 8.20
SE MSE C 131 6.55 -2.96 10.27
SE MSE C 131 8.01 -3.36 10.11
CE MSE C 131 7.84 -4.39 9.96
CE MSE C 131 6.15 -3.35 10.49
N VAL C 132 10.00 -0.62 7.50
CA VAL C 132 11.15 -0.39 6.63
C VAL C 132 11.94 -1.67 6.37
N PRO C 133 12.06 -2.07 5.08
CA PRO C 133 12.75 -3.32 4.71
C PRO C 133 14.23 -3.16 4.59
N VAL C 134 14.97 -4.16 5.08
CA VAL C 134 16.41 -4.21 4.99
C VAL C 134 16.85 -5.44 4.23
N HIS C 135 18.05 -5.34 3.70
CA HIS C 135 18.70 -6.48 3.07
C HIS C 135 20.20 -6.40 3.28
N TYR C 136 20.88 -7.48 2.89
CA TYR C 136 22.33 -7.62 3.11
C TYR C 136 23.11 -6.60 2.34
N ILE C 137 24.07 -5.98 3.01
CA ILE C 137 24.84 -4.85 2.44
C ILE C 137 25.82 -5.22 1.32
N HIS C 138 26.20 -6.50 1.26
CA HIS C 138 27.14 -6.94 0.23
C HIS C 138 26.52 -7.69 -0.94
N ALA C 139 25.26 -8.07 -0.85
CA ALA C 139 24.64 -8.90 -1.87
C ALA C 139 23.16 -8.94 -1.54
N SER C 140 22.38 -8.22 -2.34
CA SER C 140 20.97 -8.08 -2.04
C SER C 140 20.18 -9.37 -2.00
N TYR C 141 20.65 -10.38 -2.72
CA TYR C 141 19.91 -11.66 -2.79
C TYR C 141 20.08 -12.59 -1.57
N VAL C 142 20.93 -12.23 -0.62
CA VAL C 142 21.15 -13.13 0.54
C VAL C 142 19.86 -13.30 1.35
N ARG C 143 19.25 -14.47 1.19
CA ARG C 143 17.86 -14.70 1.63
C ARG C 143 17.65 -14.63 3.13
N SER C 144 18.66 -15.01 3.91
CA SER C 144 18.55 -15.01 5.36
C SER C 144 18.42 -13.63 5.99
N HIS C 145 18.84 -12.62 5.24
CA HIS C 145 18.94 -11.25 5.76
C HIS C 145 17.79 -10.31 5.54
N PHE C 146 16.86 -10.67 4.66
CA PHE C 146 15.67 -9.84 4.44
C PHE C 146 14.92 -9.68 5.75
N ASN C 147 14.58 -8.46 6.10
CA ASN C 147 13.92 -8.21 7.39
C ASN C 147 13.30 -6.83 7.38
N SER C 148 12.73 -6.43 8.49
CA SER C 148 12.09 -5.14 8.59
C SER C 148 12.09 -4.61 9.98
N ILE C 149 12.00 -3.29 10.07
CA ILE C 149 11.82 -2.59 11.37
C ILE C 149 10.82 -1.45 11.15
N GLU C 150 9.96 -1.21 12.14
CA GLU C 150 8.99 -0.12 12.04
C GLU C 150 9.58 1.15 12.57
N ILE C 151 9.32 2.23 11.84
CA ILE C 151 9.74 3.57 12.25
C ILE C 151 8.54 4.50 12.30
N GLY C 152 8.76 5.62 12.97
CA GLY C 152 7.75 6.67 13.13
C GLY C 152 8.02 7.46 14.40
N ILE C 153 7.53 8.69 14.38
CA ILE C 153 7.57 9.62 15.51
C ILE C 153 6.14 10.12 15.70
N GLN C 154 5.69 10.09 16.94
CA GLN C 154 4.28 10.36 17.26
C GLN C 154 3.74 11.67 16.73
N ASP C 155 4.55 12.70 16.81
CA ASP C 155 4.13 14.05 16.45
C ASP C 155 4.83 14.58 15.21
N ALA C 156 5.18 13.67 14.32
CA ALA C 156 5.90 14.02 13.09
C ALA C 156 5.62 13.00 11.99
N PRO C 157 5.73 13.44 10.73
CA PRO C 157 6.01 14.82 10.34
C PRO C 157 4.73 15.60 10.38
N ARG C 158 4.78 16.81 10.90
CA ARG C 158 3.64 17.70 10.87
C ARG C 158 3.49 18.14 9.40
N PRO C 159 2.37 18.81 9.07
CA PRO C 159 2.12 19.04 7.65
C PRO C 159 3.25 19.66 6.82
N ARG C 160 4.03 20.55 7.43
CA ARG C 160 5.14 21.24 6.74
C ARG C 160 6.55 20.70 7.09
N GLU C 161 6.61 19.41 7.43
CA GLU C 161 7.86 18.75 7.79
C GLU C 161 8.11 17.50 6.97
N ILE C 162 9.33 17.00 7.12
CA ILE C 162 9.72 15.72 6.53
C ILE C 162 10.51 14.96 7.59
N LEU C 163 10.26 13.66 7.66
CA LEU C 163 11.03 12.76 8.51
C LEU C 163 11.91 11.91 7.59
N PHE C 164 13.21 11.97 7.79
CA PHE C 164 14.17 11.18 7.04
C PHE C 164 14.83 10.20 8.01
N ALA C 165 15.07 8.98 7.55
CA ALA C 165 15.61 7.95 8.38
C ALA C 165 16.55 7.00 7.66
N LEU C 166 17.48 6.46 8.44
CA LEU C 166 18.37 5.38 7.99
C LEU C 166 18.28 4.25 8.99
N VAL C 167 18.51 3.05 8.49
CA VAL C 167 18.47 1.83 9.27
C VAL C 167 19.69 0.99 8.99
N MSE C 168 20.26 0.46 10.07
CA MSE C 168 21.33 -0.53 9.99
C MSE C 168 21.01 -1.66 10.94
O MSE C 168 20.33 -1.49 11.94
CB MSE C 168 22.69 0.04 10.31
CG MSE C 168 23.22 1.10 9.38
SE MSE C 168 24.99 1.56 9.81
CE MSE C 168 25.12 3.16 8.74
N GLY C 169 21.54 -2.83 10.62
CA GLY C 169 21.35 -4.01 11.48
C GLY C 169 22.54 -4.95 11.41
N THR C 170 22.56 -5.88 12.35
CA THR C 170 23.74 -6.72 12.57
C THR C 170 23.74 -8.14 12.03
N GLY C 171 22.67 -8.59 11.42
CA GLY C 171 22.62 -9.97 10.98
C GLY C 171 21.35 -10.44 10.34
N ALA C 172 21.22 -11.76 10.29
CA ALA C 172 20.08 -12.43 9.66
C ALA C 172 18.90 -12.48 10.58
N ARG C 173 17.76 -12.83 10.00
CA ARG C 173 16.55 -13.08 10.77
C ARG C 173 16.88 -14.14 11.81
N VAL C 174 16.29 -13.99 12.98
CA VAL C 174 16.63 -14.86 14.11
C VAL C 174 16.40 -16.34 13.88
N HIS C 175 15.43 -16.68 13.03
CA HIS C 175 15.21 -18.10 12.70
C HIS C 175 15.21 -18.34 11.19
N ALA C 176 16.12 -17.65 10.52
CA ALA C 176 16.28 -17.79 9.07
C ALA C 176 16.51 -19.25 8.70
N ARG C 177 15.69 -19.77 7.79
CA ARG C 177 15.81 -21.21 7.40
C ARG C 177 15.18 -21.58 6.06
N LEU C 178 15.31 -20.68 5.08
CA LEU C 178 14.70 -20.86 3.77
C LEU C 178 15.67 -21.02 2.61
N GLY C 179 16.92 -21.29 2.94
CA GLY C 179 17.94 -21.48 1.94
C GLY C 179 18.22 -20.22 1.18
N GLY C 180 18.38 -20.41 -0.12
CA GLY C 180 18.67 -19.29 -1.02
C GLY C 180 20.14 -18.97 -0.91
N LEU C 181 20.53 -17.87 -1.54
CA LEU C 181 21.91 -17.43 -1.51
C LEU C 181 22.33 -17.15 -0.08
N THR C 182 23.49 -17.64 0.30
CA THR C 182 24.03 -17.37 1.65
C THR C 182 25.18 -16.36 1.59
N LYS C 183 25.45 -15.74 2.72
CA LYS C 183 26.62 -14.85 2.83
C LYS C 183 27.89 -15.51 2.29
N GLU C 184 28.03 -16.78 2.63
CA GLU C 184 29.24 -17.54 2.34
C GLU C 184 29.38 -17.84 0.86
N ALA C 185 28.24 -17.97 0.18
CA ALA C 185 28.17 -18.31 -1.25
C ALA C 185 28.26 -17.12 -2.21
N VAL C 186 28.31 -15.92 -1.65
CA VAL C 186 28.42 -14.69 -2.46
C VAL C 186 29.70 -14.77 -3.27
N SER C 187 29.56 -14.52 -4.56
CA SER C 187 30.67 -14.63 -5.50
C SER C 187 30.72 -13.65 -6.65
N VAL C 188 29.62 -12.99 -6.97
CA VAL C 188 29.60 -12.04 -8.08
C VAL C 188 30.17 -10.69 -7.65
N HIS C 189 29.78 -10.22 -6.47
CA HIS C 189 30.25 -8.94 -5.91
C HIS C 189 29.84 -7.74 -6.74
N ASP C 190 28.65 -7.87 -7.29
CA ASP C 190 28.03 -6.79 -8.06
C ASP C 190 27.01 -6.05 -7.22
N GLY C 191 26.84 -6.54 -6.00
CA GLY C 191 25.89 -6.00 -5.06
C GLY C 191 24.60 -6.79 -5.00
N GLN C 192 24.52 -7.82 -5.84
CA GLN C 192 23.38 -8.73 -5.91
C GLN C 192 23.69 -10.15 -5.41
N ARG C 193 24.71 -10.74 -5.99
CA ARG C 193 25.03 -12.13 -5.70
C ARG C 193 26.50 -12.35 -5.54
CL CL D . -30.24 7.28 -2.51
O1 PG4 E . -10.55 -13.11 -7.35
C1 PG4 E . -11.61 -12.73 -8.24
C2 PG4 E . -11.15 -11.56 -9.10
O2 PG4 E . -11.36 -10.26 -8.49
C3 PG4 E . -11.57 -9.12 -9.35
C4 PG4 E . -12.91 -9.35 -10.03
O3 PG4 E . -13.46 -8.24 -10.71
C5 PG4 E . -14.72 -8.48 -11.39
C6 PG4 E . -15.42 -9.82 -11.19
O4 PG4 E . -16.71 -9.99 -11.74
C7 PG4 E . -17.06 -11.38 -11.70
C1 EDO F . -10.29 -4.95 2.43
O1 EDO F . -10.38 -4.29 3.70
C2 EDO F . -11.13 -4.20 1.41
O2 EDO F . -10.81 -2.80 1.48
C1 EDO G . -23.31 -15.84 -0.90
O1 EDO G . -24.18 -16.25 -1.96
C2 EDO G . -22.17 -15.08 -1.52
O2 EDO G . -22.65 -13.81 -1.99
C1 EDO H . -30.70 10.40 -0.77
O1 EDO H . -31.74 9.70 -1.48
C2 EDO H . -30.83 11.89 -1.00
O2 EDO H . -30.96 12.54 0.25
C1 EDO I . -3.26 21.87 8.41
O1 EDO I . -4.46 22.45 7.89
C2 EDO I . -2.07 22.40 7.62
O2 EDO I . -2.25 22.05 6.25
C1 EDO J . -14.41 25.46 7.91
O1 EDO J . -15.35 26.51 7.82
C2 EDO J . -14.87 24.35 6.99
O2 EDO J . -14.67 24.62 5.61
C1 EDO K . -10.22 -4.33 -12.39
O1 EDO K . -10.03 -3.37 -13.44
C2 EDO K . -11.08 -5.47 -12.91
O2 EDO K . -11.40 -6.34 -11.83
C1 EDO L . -39.62 -7.50 6.45
O1 EDO L . -38.69 -7.68 7.53
C2 EDO L . -40.55 -8.72 6.33
O2 EDO L . -41.84 -8.28 5.90
C1 EDO M . -39.29 -4.84 11.19
O1 EDO M . -40.33 -3.90 10.90
C2 EDO M . -38.96 -5.69 9.97
O2 EDO M . -39.92 -5.47 8.93
CL CL N . 12.88 -11.61 -6.84
C1 EDO O . -4.63 3.58 -1.49
O1 EDO O . -3.85 3.75 -0.30
C2 EDO O . -4.29 2.25 -2.12
O2 EDO O . -4.31 1.21 -1.12
C1 EDO P . 3.31 8.56 -14.61
O1 EDO P . 3.77 7.21 -14.57
C2 EDO P . 4.40 9.49 -15.05
O2 EDO P . 4.87 9.11 -16.36
C1 EDO Q . 6.28 -20.62 -11.66
O1 EDO Q . 5.90 -21.91 -11.16
C2 EDO Q . 7.79 -20.58 -11.91
O2 EDO Q . 8.41 -19.58 -11.09
C1 EDO R . 7.91 17.00 -13.84
O1 EDO R . 8.26 15.60 -13.86
C2 EDO R . 6.53 17.26 -13.23
O2 EDO R . 5.46 16.48 -13.78
C1 EDO S . -0.19 -25.45 16.95
O1 EDO S . 0.67 -24.84 15.98
C2 EDO S . -1.62 -25.03 16.66
O2 EDO S . -2.07 -25.80 15.52
C1 EDO T . 1.77 5.78 -17.15
O1 EDO T . 2.34 5.22 -15.97
C2 EDO T . 2.62 5.54 -18.39
O2 EDO T . 3.78 4.79 -18.05
C1 EDO U . -8.76 -0.27 -13.30
O1 EDO U . -9.02 0.93 -12.57
C2 EDO U . -7.69 0.04 -14.35
O2 EDO U . -6.90 -1.11 -14.66
C1 EDO V . 25.27 4.53 -7.05
O1 EDO V . 25.88 3.25 -7.10
C2 EDO V . 24.30 4.73 -8.18
O2 EDO V . 24.70 3.96 -9.31
C1 EDO W . 18.04 16.60 -13.79
O1 EDO W . 19.41 16.32 -13.44
C2 EDO W . 17.30 17.10 -12.56
O2 EDO W . 15.99 17.55 -12.93
C1 EDO X . -2.43 -31.14 4.61
O1 EDO X . -1.70 -31.78 5.68
C2 EDO X . -2.28 -29.62 4.64
O2 EDO X . -3.53 -28.96 4.91
C1 EDO Y . -8.89 3.86 -13.62
O1 EDO Y . -7.76 4.51 -14.19
C2 EDO Y . -9.99 4.89 -13.51
O2 EDO Y . -10.39 5.21 -14.84
CL CL Z . 19.58 6.55 -6.26
CL CL AA . 21.77 3.42 -2.50
O1 PG4 BA . 22.83 -1.65 21.51
C1 PG4 BA . 22.05 -0.81 22.36
C2 PG4 BA . 20.80 -1.56 22.86
O2 PG4 BA . 21.02 -2.98 22.95
C3 PG4 BA . 21.39 -3.48 24.24
C4 PG4 BA . 20.91 -4.92 24.42
O3 PG4 BA . 19.52 -4.88 24.72
C1 EDO CA . 2.79 20.60 -1.91
O1 EDO CA . 4.17 21.00 -1.91
C2 EDO CA . 2.15 20.35 -3.26
O2 EDO CA . 2.51 21.42 -4.12
C1 EDO DA . 11.65 -19.48 23.03
O1 EDO DA . 12.88 -19.57 22.30
C2 EDO DA . 10.90 -20.80 22.92
O2 EDO DA . 11.78 -21.91 23.20
C1 EDO EA . 20.85 -14.41 13.68
O1 EDO EA . 22.27 -14.59 13.71
C2 EDO EA . 20.54 -13.11 14.36
O2 EDO EA . 20.98 -12.03 13.55
C1 EDO FA . 25.43 -9.86 -13.19
O1 EDO FA . 26.12 -8.87 -12.41
C2 EDO FA . 25.71 -9.54 -14.64
O2 EDO FA . 26.82 -10.35 -15.00
C1 EDO GA . 8.94 9.26 19.12
O1 EDO GA . 7.51 9.20 19.16
C2 EDO GA . 9.49 8.52 20.34
O2 EDO GA . 8.93 7.19 20.38
C1 EDO HA . 27.25 4.94 -2.97
O1 EDO HA . 28.19 5.79 -2.26
C2 EDO HA . 27.14 5.30 -4.44
O2 EDO HA . 28.16 6.22 -4.84
C1 EDO IA . 14.39 -13.38 -3.91
O1 EDO IA . 14.79 -13.38 -5.29
C2 EDO IA . 14.60 -14.75 -3.28
O2 EDO IA . 15.90 -14.82 -2.70
C1 EDO JA . 22.32 4.85 22.25
O1 EDO JA . 23.42 5.78 22.24
C2 EDO JA . 22.71 3.63 23.08
O2 EDO JA . 22.89 2.49 22.23
#